data_4NCL
#
_entry.id   4NCL
#
_cell.length_a   66.900
_cell.length_b   72.960
_cell.length_c   199.230
_cell.angle_alpha   90.00
_cell.angle_beta   90.00
_cell.angle_gamma   90.00
#
_symmetry.space_group_name_H-M   'P 21 21 21'
#
loop_
_entity.id
_entity.type
_entity.pdbx_description
1 polymer 'Eukaryotic translation initiation factor 5B-like protein'
2 non-polymer "GUANOSINE-5'-DIPHOSPHATE"
3 non-polymer 'MAGNESIUM ION'
4 water water
#
_entity_poly.entity_id   1
_entity_poly.type   'polypeptide(L)'
_entity_poly.pdbx_seq_one_letter_code
;SHMNKDNLRSPICCILGHVDTGKTKLLDKIRQTNVQEGEAGGITQQIGATYFPVEAIKQKTAVVNKDGKFEFKVPGLLII
DTPGHESFSNLRSRGSSLCNIAILVVDIMHGLEPQTIESLRLLRERKTPFVVALNKIDRLYGWKKIENNGFRESFALQNK
AVQNEFRNRLDQVKLQFAEQGFNSELFYENKNFARYVSLVPTSAHTGEGIPDMLKLIVQLCQERMASSLMYLSELQATVL
EVKAIEGFGVTIDVILSNGILREGDRIVLCGLEGPIKTNIRALLTPAPMRELRIKGQYIHHKEVKAAQGVKISAPGLEGA
IAGSRLLVVGPDDDEEELEEEVESDLQSLFSRVEKTGKGVSVQASTLGSLEALLDFLKDCKIPVANVGIGPVYKRDVMQC
GIMLEKAPDYAVMLCFDVKVDKEAQQYADENGIKIFTADIIYHLFDQFTKHMQEQLE
;
_entity_poly.pdbx_strand_id   A,B
#
loop_
_chem_comp.id
_chem_comp.type
_chem_comp.name
_chem_comp.formula
GDP RNA linking GUANOSINE-5'-DIPHOSPHATE 'C10 H15 N5 O11 P2'
MG non-polymer 'MAGNESIUM ION' 'Mg 2'
#
# COMPACT_ATOMS: atom_id res chain seq x y z
N LEU A 8 -35.08 19.56 20.83
CA LEU A 8 -33.80 20.00 20.30
C LEU A 8 -33.57 19.45 18.91
N ARG A 9 -32.45 19.82 18.28
CA ARG A 9 -32.16 19.29 16.95
C ARG A 9 -30.78 18.66 16.86
N SER A 10 -30.57 17.91 15.78
CA SER A 10 -29.34 17.18 15.53
C SER A 10 -28.30 18.00 14.78
N PRO A 11 -27.04 17.97 15.25
CA PRO A 11 -25.99 18.62 14.46
C PRO A 11 -25.84 17.94 13.12
N ILE A 12 -25.40 18.69 12.11
CA ILE A 12 -25.17 18.14 10.79
C ILE A 12 -23.67 18.10 10.49
N CYS A 13 -23.21 16.94 10.04
CA CYS A 13 -21.81 16.71 9.77
C CYS A 13 -21.61 16.36 8.31
N CYS A 14 -20.69 17.06 7.65
CA CYS A 14 -20.41 16.78 6.25
C CYS A 14 -19.12 15.99 6.10
N ILE A 15 -19.10 15.02 5.18
CA ILE A 15 -17.89 14.24 4.93
C ILE A 15 -17.26 14.63 3.59
N LEU A 16 -16.03 15.12 3.67
CA LEU A 16 -15.28 15.60 2.51
C LEU A 16 -14.02 14.78 2.29
N GLY A 17 -13.65 14.59 1.03
CA GLY A 17 -12.41 13.91 0.73
C GLY A 17 -12.04 13.94 -0.73
N HIS A 18 -10.75 13.79 -0.98
CA HIS A 18 -10.21 13.55 -2.31
C HIS A 18 -10.75 12.20 -2.80
N VAL A 19 -10.88 12.03 -4.10
CA VAL A 19 -11.37 10.75 -4.63
C VAL A 19 -10.36 9.66 -4.24
N ASP A 20 -10.86 8.45 -3.98
CA ASP A 20 -10.02 7.28 -3.67
C ASP A 20 -9.37 7.39 -2.29
N THR A 21 -9.90 8.27 -1.44
CA THR A 21 -9.38 8.45 -0.09
C THR A 21 -10.11 7.52 0.89
N GLY A 22 -11.21 6.95 0.44
CA GLY A 22 -11.97 6.01 1.23
C GLY A 22 -13.15 6.60 1.98
N LYS A 23 -13.63 7.76 1.54
CA LYS A 23 -14.77 8.41 2.19
C LYS A 23 -16.05 7.58 2.04
N THR A 24 -16.27 7.02 0.84
CA THR A 24 -17.46 6.21 0.58
C THR A 24 -17.42 4.95 1.45
N LYS A 25 -16.28 4.27 1.45
CA LYS A 25 -16.12 3.08 2.28
C LYS A 25 -16.25 3.46 3.75
N LEU A 26 -15.79 4.65 4.10
CA LEU A 26 -15.82 5.09 5.50
C LEU A 26 -17.25 5.31 5.95
N LEU A 27 -18.02 6.04 5.15
CA LEU A 27 -19.42 6.28 5.50
C LEU A 27 -20.18 4.96 5.52
N ASP A 28 -19.85 4.07 4.59
CA ASP A 28 -20.46 2.74 4.56
C ASP A 28 -20.19 1.99 5.86
N LYS A 29 -18.96 2.07 6.36
CA LYS A 29 -18.62 1.41 7.62
C LYS A 29 -19.33 2.06 8.79
N ILE A 30 -19.44 3.38 8.77
CA ILE A 30 -20.15 4.09 9.83
C ILE A 30 -21.63 3.69 9.84
N ARG A 31 -22.18 3.40 8.66
CA ARG A 31 -23.60 3.04 8.54
C ARG A 31 -23.96 1.68 9.12
N GLN A 32 -23.00 0.74 9.13
CA GLN A 32 -23.25 -0.65 9.52
C GLN A 32 -23.97 -0.74 10.87
N THR A 33 -24.99 -1.58 10.93
CA THR A 33 -25.77 -1.73 12.15
C THR A 33 -26.26 -3.16 12.36
N ASN A 34 -26.60 -3.50 13.61
CA ASN A 34 -27.22 -4.77 13.93
C ASN A 34 -28.75 -4.70 13.85
N VAL A 35 -29.27 -3.54 13.43
CA VAL A 35 -30.71 -3.34 13.34
C VAL A 35 -31.25 -3.72 11.96
N GLY A 41 -34.71 2.80 17.78
CA GLY A 41 -34.38 3.72 16.71
C GLY A 41 -33.21 3.25 15.86
N GLY A 42 -33.43 3.19 14.56
CA GLY A 42 -32.44 2.67 13.63
C GLY A 42 -31.82 3.74 12.75
N ILE A 43 -30.61 3.48 12.27
CA ILE A 43 -29.98 4.37 11.31
C ILE A 43 -30.84 4.37 10.05
N THR A 44 -31.22 5.56 9.58
CA THR A 44 -32.20 5.67 8.49
C THR A 44 -31.66 6.48 7.33
N GLN A 45 -31.79 5.93 6.13
CA GLN A 45 -31.42 6.63 4.91
C GLN A 45 -32.43 7.71 4.56
N GLN A 46 -31.91 8.91 4.31
CA GLN A 46 -32.72 10.05 3.92
C GLN A 46 -32.18 10.58 2.60
N ILE A 47 -32.91 11.52 2.01
CA ILE A 47 -32.51 12.09 0.74
C ILE A 47 -31.18 12.82 0.92
N GLY A 48 -30.15 12.27 0.28
CA GLY A 48 -28.83 12.86 0.29
C GLY A 48 -28.15 12.85 1.65
N ALA A 49 -28.70 12.09 2.61
CA ALA A 49 -28.12 12.12 3.95
C ALA A 49 -28.47 10.88 4.75
N THR A 50 -27.76 10.64 5.84
CA THR A 50 -28.04 9.49 6.69
C THR A 50 -28.16 9.96 8.13
N TYR A 51 -29.23 9.54 8.81
CA TYR A 51 -29.46 9.98 10.17
C TYR A 51 -29.12 8.90 11.19
N PHE A 52 -28.43 9.31 12.24
CA PHE A 52 -27.99 8.42 13.30
C PHE A 52 -28.64 8.83 14.61
N PRO A 53 -29.62 8.04 15.08
CA PRO A 53 -30.22 8.33 16.39
C PRO A 53 -29.17 8.20 17.49
N VAL A 54 -29.36 8.89 18.60
CA VAL A 54 -28.35 8.93 19.67
C VAL A 54 -28.06 7.54 20.24
N GLU A 55 -29.03 6.63 20.17
CA GLU A 55 -28.81 5.29 20.68
C GLU A 55 -27.77 4.54 19.84
N ALA A 56 -27.88 4.72 18.52
CA ALA A 56 -26.92 4.09 17.61
C ALA A 56 -25.52 4.65 17.84
N ILE A 57 -25.46 5.95 18.09
CA ILE A 57 -24.18 6.62 18.34
C ILE A 57 -23.56 6.12 19.66
N LYS A 58 -24.41 5.95 20.67
CA LYS A 58 -23.97 5.43 21.95
C LYS A 58 -23.41 4.05 21.77
N GLN A 59 -24.05 3.26 20.92
N GLN A 59 -24.05 3.27 20.91
CA GLN A 59 -23.59 1.90 20.67
CA GLN A 59 -23.59 1.91 20.66
C GLN A 59 -22.24 1.90 19.95
C GLN A 59 -22.24 1.92 19.96
N LYS A 60 -22.11 2.75 18.94
CA LYS A 60 -20.88 2.80 18.14
C LYS A 60 -19.69 3.40 18.88
N THR A 61 -19.95 4.15 19.95
CA THR A 61 -18.89 4.79 20.73
C THR A 61 -18.69 4.17 22.11
N ALA A 62 -19.41 3.09 22.38
CA ALA A 62 -19.40 2.49 23.71
C ALA A 62 -18.00 2.03 24.10
N VAL A 63 -17.29 1.47 23.14
CA VAL A 63 -15.95 0.94 23.37
C VAL A 63 -14.96 2.02 23.84
N VAL A 64 -15.22 3.29 23.51
CA VAL A 64 -14.35 4.36 24.00
C VAL A 64 -15.08 5.24 25.03
N ASN A 65 -16.15 4.68 25.58
CA ASN A 65 -16.93 5.30 26.66
C ASN A 65 -17.33 4.25 27.70
N LYS A 66 -16.38 3.39 28.07
CA LYS A 66 -16.67 2.27 28.94
C LYS A 66 -17.16 2.68 30.32
N ASP A 67 -16.52 3.69 30.90
CA ASP A 67 -16.91 4.17 32.23
C ASP A 67 -18.28 4.84 32.18
N GLY A 68 -18.62 5.42 31.04
CA GLY A 68 -19.92 6.03 30.87
C GLY A 68 -19.98 7.49 31.25
N LYS A 69 -18.83 8.09 31.55
CA LYS A 69 -18.79 9.49 31.96
C LYS A 69 -19.28 10.46 30.89
N PHE A 70 -19.07 10.10 29.62
CA PHE A 70 -19.41 11.03 28.54
C PHE A 70 -20.92 11.17 28.38
N GLU A 71 -21.40 12.40 28.46
CA GLU A 71 -22.83 12.68 28.42
C GLU A 71 -23.27 13.07 27.02
N PHE A 72 -24.23 12.33 26.47
CA PHE A 72 -24.82 12.71 25.20
C PHE A 72 -26.00 13.64 25.46
N LYS A 73 -25.90 14.87 24.96
CA LYS A 73 -26.94 15.89 25.12
C LYS A 73 -27.69 16.10 23.82
N VAL A 74 -27.43 15.22 22.86
CA VAL A 74 -27.89 15.42 21.50
C VAL A 74 -28.84 14.29 21.10
N PRO A 75 -29.94 14.62 20.39
CA PRO A 75 -30.88 13.59 19.95
C PRO A 75 -30.32 12.67 18.87
N GLY A 76 -29.40 13.18 18.05
CA GLY A 76 -28.89 12.42 16.94
C GLY A 76 -27.84 13.17 16.14
N LEU A 77 -27.38 12.55 15.07
CA LEU A 77 -26.44 13.20 14.18
C LEU A 77 -26.85 12.99 12.74
N LEU A 78 -26.85 14.06 11.94
CA LEU A 78 -27.12 13.87 10.52
C LEU A 78 -25.80 13.98 9.78
N ILE A 79 -25.54 13.00 8.91
CA ILE A 79 -24.31 13.01 8.13
C ILE A 79 -24.63 13.07 6.66
N ILE A 80 -24.04 14.04 5.97
CA ILE A 80 -24.25 14.22 4.55
C ILE A 80 -23.00 13.83 3.83
N ASP A 81 -23.12 12.97 2.82
CA ASP A 81 -21.95 12.59 2.05
C ASP A 81 -21.73 13.70 1.02
N THR A 82 -20.59 14.38 1.13
CA THR A 82 -20.35 15.52 0.26
C THR A 82 -19.02 15.30 -0.47
N PRO A 83 -19.07 14.59 -1.60
CA PRO A 83 -17.93 14.40 -2.50
C PRO A 83 -17.79 15.56 -3.47
N GLY A 84 -16.63 16.19 -3.50
CA GLY A 84 -16.49 17.40 -4.29
C GLY A 84 -16.81 18.56 -3.37
N HIS A 85 -17.54 19.55 -3.88
CA HIS A 85 -17.69 20.80 -3.16
C HIS A 85 -19.10 21.09 -2.63
N GLU A 86 -19.95 20.05 -2.49
N GLU A 86 -19.91 20.04 -2.47
CA GLU A 86 -21.32 20.28 -2.06
CA GLU A 86 -21.31 20.21 -2.04
C GLU A 86 -21.42 20.79 -0.62
C GLU A 86 -21.42 20.75 -0.62
N SER A 87 -20.39 20.54 0.18
CA SER A 87 -20.37 21.06 1.55
C SER A 87 -20.24 22.60 1.54
N PHE A 88 -19.85 23.15 0.38
CA PHE A 88 -19.66 24.59 0.25
C PHE A 88 -20.74 25.21 -0.63
N SER A 89 -21.89 24.54 -0.76
CA SER A 89 -22.90 24.90 -1.75
C SER A 89 -23.55 26.27 -1.52
N ASN A 90 -23.88 26.58 -0.27
CA ASN A 90 -24.47 27.87 0.06
C ASN A 90 -23.41 28.94 0.34
N LEU A 91 -23.83 30.18 0.48
CA LEU A 91 -22.93 31.30 0.75
C LEU A 91 -22.23 31.10 2.10
N ARG A 92 -21.03 31.66 2.23
CA ARG A 92 -20.18 31.46 3.39
C ARG A 92 -20.88 31.87 4.69
N SER A 93 -21.54 33.03 4.65
CA SER A 93 -22.20 33.60 5.82
C SER A 93 -23.25 32.67 6.45
N ARG A 94 -23.73 31.69 5.69
CA ARG A 94 -24.74 30.76 6.19
C ARG A 94 -24.22 29.33 6.29
N GLY A 95 -22.90 29.16 6.24
CA GLY A 95 -22.31 27.83 6.19
C GLY A 95 -22.82 26.83 7.22
N SER A 96 -23.02 27.31 8.44
CA SER A 96 -23.45 26.46 9.54
C SER A 96 -24.85 25.86 9.34
N SER A 97 -25.68 26.52 8.52
CA SER A 97 -26.99 25.98 8.21
C SER A 97 -26.88 24.75 7.35
N LEU A 98 -25.74 24.58 6.68
CA LEU A 98 -25.58 23.39 5.87
C LEU A 98 -24.75 22.35 6.62
N CYS A 99 -23.62 22.80 7.18
CA CYS A 99 -22.71 21.94 7.93
C CYS A 99 -22.31 22.59 9.23
N ASN A 100 -22.60 21.94 10.36
CA ASN A 100 -22.11 22.41 11.64
C ASN A 100 -20.64 22.06 11.81
N ILE A 101 -20.24 20.95 11.18
CA ILE A 101 -18.91 20.40 11.36
C ILE A 101 -18.63 19.51 10.16
N ALA A 102 -17.35 19.30 9.86
CA ALA A 102 -16.98 18.45 8.73
C ALA A 102 -15.97 17.37 9.10
N ILE A 103 -15.95 16.31 8.29
CA ILE A 103 -14.91 15.30 8.41
C ILE A 103 -14.12 15.30 7.11
N LEU A 104 -12.83 15.67 7.21
CA LEU A 104 -11.96 15.64 6.04
C LEU A 104 -11.20 14.33 6.01
N VAL A 105 -11.39 13.55 4.96
CA VAL A 105 -10.77 12.23 4.91
C VAL A 105 -9.44 12.30 4.16
N VAL A 106 -8.36 11.88 4.82
CA VAL A 106 -7.03 11.84 4.20
C VAL A 106 -6.47 10.42 4.26
N ASP A 107 -5.93 9.92 3.14
CA ASP A 107 -5.27 8.62 3.11
C ASP A 107 -3.92 8.72 3.83
N ILE A 108 -3.76 7.99 4.94
CA ILE A 108 -2.53 8.09 5.73
C ILE A 108 -1.32 7.62 4.94
N MET A 109 -1.54 6.77 3.94
CA MET A 109 -0.43 6.18 3.20
C MET A 109 0.18 7.10 2.16
N HIS A 110 -0.63 8.02 1.61
CA HIS A 110 -0.13 8.95 0.59
C HIS A 110 -0.08 10.39 1.10
N GLY A 111 -0.80 10.68 2.17
CA GLY A 111 -0.79 12.01 2.74
C GLY A 111 -1.65 13.01 2.01
N LEU A 112 -1.30 14.30 2.13
CA LEU A 112 -2.08 15.38 1.52
C LEU A 112 -2.02 15.40 0.00
N GLU A 113 -3.17 15.64 -0.62
CA GLU A 113 -3.29 15.72 -2.07
C GLU A 113 -3.89 17.08 -2.46
N PRO A 114 -3.86 17.45 -3.75
CA PRO A 114 -4.35 18.79 -4.15
C PRO A 114 -5.82 19.07 -3.81
N GLN A 115 -6.71 18.13 -4.11
CA GLN A 115 -8.12 18.34 -3.78
C GLN A 115 -8.27 18.50 -2.26
N THR A 116 -7.48 17.74 -1.51
CA THR A 116 -7.46 17.84 -0.04
C THR A 116 -7.05 19.25 0.38
N ILE A 117 -6.02 19.78 -0.27
CA ILE A 117 -5.50 21.11 0.07
C ILE A 117 -6.55 22.19 -0.23
N GLU A 118 -7.19 22.11 -1.40
CA GLU A 118 -8.27 23.04 -1.72
C GLU A 118 -9.40 22.94 -0.69
N SER A 119 -9.76 21.71 -0.33
CA SER A 119 -10.78 21.51 0.70
C SER A 119 -10.38 22.19 2.01
N LEU A 120 -9.10 22.09 2.37
CA LEU A 120 -8.60 22.73 3.59
C LEU A 120 -8.76 24.24 3.54
N ARG A 121 -8.34 24.81 2.42
CA ARG A 121 -8.41 26.26 2.26
C ARG A 121 -9.87 26.74 2.31
N LEU A 122 -10.76 25.99 1.66
CA LEU A 122 -12.17 26.37 1.64
C LEU A 122 -12.81 26.24 3.02
N LEU A 123 -12.49 25.17 3.74
CA LEU A 123 -12.98 24.98 5.10
C LEU A 123 -12.51 26.14 5.98
N ARG A 124 -11.24 26.50 5.84
CA ARG A 124 -10.72 27.63 6.62
C ARG A 124 -11.42 28.95 6.28
N GLU A 125 -11.57 29.27 5.00
CA GLU A 125 -12.22 30.53 4.64
C GLU A 125 -13.66 30.62 5.15
N ARG A 126 -14.33 29.48 5.19
CA ARG A 126 -15.72 29.45 5.62
C ARG A 126 -15.83 29.23 7.13
N LYS A 127 -14.69 29.11 7.78
CA LYS A 127 -14.62 28.94 9.24
C LYS A 127 -15.45 27.72 9.68
N THR A 128 -15.44 26.68 8.85
CA THR A 128 -16.14 25.45 9.16
C THR A 128 -15.26 24.53 9.99
N PRO A 129 -15.72 24.23 11.21
CA PRO A 129 -15.01 23.32 12.09
C PRO A 129 -14.91 21.97 11.42
N PHE A 130 -13.76 21.32 11.54
CA PHE A 130 -13.60 20.01 10.94
C PHE A 130 -12.60 19.19 11.73
N VAL A 131 -12.71 17.87 11.59
CA VAL A 131 -11.70 16.97 12.09
C VAL A 131 -11.25 16.12 10.92
N VAL A 132 -10.06 15.56 11.05
CA VAL A 132 -9.48 14.79 9.95
C VAL A 132 -9.57 13.31 10.27
N ALA A 133 -10.00 12.52 9.29
CA ALA A 133 -9.92 11.08 9.42
C ALA A 133 -8.66 10.64 8.68
N LEU A 134 -7.64 10.25 9.43
CA LEU A 134 -6.43 9.68 8.81
C LEU A 134 -6.70 8.21 8.53
N ASN A 135 -7.27 7.97 7.36
CA ASN A 135 -7.84 6.68 7.01
C ASN A 135 -6.84 5.64 6.53
N LYS A 136 -7.30 4.39 6.50
CA LYS A 136 -6.55 3.23 6.01
C LYS A 136 -5.35 2.87 6.86
N ILE A 137 -5.46 3.01 8.18
CA ILE A 137 -4.35 2.63 9.06
C ILE A 137 -4.06 1.13 9.04
N ASP A 138 -5.02 0.34 8.55
CA ASP A 138 -4.83 -1.11 8.44
C ASP A 138 -3.80 -1.44 7.36
N ARG A 139 -3.49 -0.45 6.52
N ARG A 139 -3.48 -0.45 6.53
CA ARG A 139 -2.48 -0.64 5.49
CA ARG A 139 -2.48 -0.60 5.50
C ARG A 139 -1.07 -0.56 6.06
C ARG A 139 -1.07 -0.53 6.06
N LEU A 140 -0.96 -0.16 7.34
CA LEU A 140 0.33 -0.18 8.03
C LEU A 140 0.86 -1.60 8.03
N TYR A 141 2.13 -1.78 7.71
CA TYR A 141 2.66 -3.13 7.53
C TYR A 141 2.70 -3.86 8.88
N GLY A 142 1.97 -4.97 8.95
CA GLY A 142 1.87 -5.76 10.15
C GLY A 142 0.79 -5.30 11.11
N TRP A 143 -0.12 -4.45 10.65
CA TRP A 143 -1.21 -4.00 11.50
C TRP A 143 -2.06 -5.19 11.95
N LYS A 144 -2.29 -5.26 13.26
CA LYS A 144 -3.09 -6.34 13.83
C LYS A 144 -4.45 -5.78 14.24
N LYS A 145 -5.46 -6.03 13.41
CA LYS A 145 -6.76 -5.40 13.59
C LYS A 145 -7.60 -6.01 14.72
N ILE A 146 -8.36 -5.15 15.39
CA ILE A 146 -9.45 -5.55 16.25
C ILE A 146 -10.66 -4.78 15.74
N GLU A 147 -11.60 -5.48 15.12
CA GLU A 147 -12.71 -4.84 14.40
C GLU A 147 -13.51 -3.87 15.27
N ASN A 148 -13.71 -2.66 14.75
CA ASN A 148 -14.54 -1.63 15.40
C ASN A 148 -14.01 -1.17 16.75
N ASN A 149 -12.72 -1.36 16.99
CA ASN A 149 -12.11 -0.92 18.24
C ASN A 149 -11.75 0.58 18.22
N GLY A 150 -11.61 1.18 19.41
CA GLY A 150 -11.10 2.53 19.49
C GLY A 150 -9.64 2.53 19.09
N PHE A 151 -9.16 3.63 18.50
CA PHE A 151 -7.80 3.61 17.96
C PHE A 151 -6.72 3.39 19.01
N ARG A 152 -6.81 4.05 20.15
CA ARG A 152 -5.78 3.89 21.18
C ARG A 152 -5.67 2.45 21.64
N GLU A 153 -6.84 1.84 21.87
CA GLU A 153 -6.92 0.47 22.37
C GLU A 153 -6.25 -0.48 21.39
N SER A 154 -6.52 -0.31 20.10
CA SER A 154 -5.88 -1.15 19.09
C SER A 154 -4.38 -0.85 18.95
N PHE A 155 -4.01 0.43 19.06
CA PHE A 155 -2.65 0.87 18.84
C PHE A 155 -1.75 0.27 19.91
N ALA A 156 -2.26 0.21 21.13
CA ALA A 156 -1.53 -0.36 22.25
C ALA A 156 -1.13 -1.82 22.02
N LEU A 157 -1.89 -2.52 21.18
CA LEU A 157 -1.65 -3.95 20.91
C LEU A 157 -0.74 -4.21 19.71
N GLN A 158 -0.32 -3.16 19.01
CA GLN A 158 0.53 -3.33 17.83
C GLN A 158 1.98 -3.57 18.20
N ASN A 159 2.73 -4.17 17.28
CA ASN A 159 4.15 -4.37 17.51
C ASN A 159 4.90 -3.05 17.37
N LYS A 160 6.18 -3.07 17.74
CA LYS A 160 7.02 -1.88 17.75
C LYS A 160 7.16 -1.25 16.36
N ALA A 161 7.36 -2.09 15.36
CA ALA A 161 7.51 -1.64 13.99
C ALA A 161 6.26 -0.89 13.50
N VAL A 162 5.08 -1.41 13.81
CA VAL A 162 3.84 -0.77 13.40
C VAL A 162 3.70 0.60 14.04
N GLN A 163 3.99 0.67 15.34
CA GLN A 163 3.91 1.94 16.07
C GLN A 163 4.87 2.95 15.45
N ASN A 164 6.06 2.46 15.08
CA ASN A 164 7.07 3.30 14.46
C ASN A 164 6.62 3.86 13.10
N GLU A 165 6.10 2.98 12.24
CA GLU A 165 5.57 3.40 10.94
C GLU A 165 4.44 4.42 11.13
N PHE A 166 3.57 4.15 12.09
CA PHE A 166 2.46 5.07 12.36
C PHE A 166 3.00 6.45 12.72
N ARG A 167 3.94 6.50 13.66
N ARG A 167 3.96 6.49 13.64
CA ARG A 167 4.49 7.78 14.11
CA ARG A 167 4.51 7.76 14.11
C ARG A 167 5.20 8.55 12.99
C ARG A 167 5.19 8.53 12.99
N ASN A 168 5.90 7.81 12.13
CA ASN A 168 6.58 8.43 11.00
C ASN A 168 5.56 9.03 10.01
N ARG A 169 4.55 8.25 9.63
CA ARG A 169 3.54 8.74 8.71
C ARG A 169 2.79 9.92 9.31
N LEU A 170 2.54 9.85 10.61
CA LEU A 170 1.87 10.90 11.35
C LEU A 170 2.66 12.20 11.32
N ASP A 171 3.95 12.12 11.62
CA ASP A 171 4.79 13.31 11.62
C ASP A 171 4.82 13.93 10.23
N GLN A 172 4.93 13.07 9.22
CA GLN A 172 4.93 13.54 7.84
C GLN A 172 3.63 14.30 7.49
N VAL A 173 2.50 13.70 7.83
CA VAL A 173 1.19 14.30 7.56
C VAL A 173 1.06 15.62 8.31
N LYS A 174 1.55 15.64 9.55
CA LYS A 174 1.52 16.85 10.37
C LYS A 174 2.31 17.98 9.69
N LEU A 175 3.44 17.62 9.09
CA LEU A 175 4.22 18.61 8.37
C LEU A 175 3.48 19.15 7.16
N GLN A 176 2.89 18.25 6.38
CA GLN A 176 2.09 18.69 5.23
C GLN A 176 0.96 19.65 5.64
N PHE A 177 0.30 19.36 6.77
CA PHE A 177 -0.73 20.28 7.27
C PHE A 177 -0.13 21.62 7.70
N ALA A 178 1.03 21.55 8.35
CA ALA A 178 1.70 22.76 8.84
C ALA A 178 2.05 23.69 7.70
N GLU A 179 2.47 23.12 6.57
CA GLU A 179 2.79 23.93 5.40
C GLU A 179 1.55 24.69 4.94
N GLN A 180 0.38 24.07 5.10
CA GLN A 180 -0.88 24.67 4.68
C GLN A 180 -1.40 25.65 5.72
N GLY A 181 -0.65 25.83 6.81
CA GLY A 181 -1.04 26.81 7.81
C GLY A 181 -1.89 26.26 8.93
N PHE A 182 -1.99 24.92 9.00
CA PHE A 182 -2.77 24.26 10.04
C PHE A 182 -1.89 23.52 11.05
N ASN A 183 -2.02 23.89 12.32
CA ASN A 183 -1.39 23.11 13.37
C ASN A 183 -2.30 21.94 13.73
N SER A 184 -1.76 20.73 13.68
CA SER A 184 -2.58 19.54 13.90
C SER A 184 -2.00 18.68 15.02
N GLU A 185 -2.89 17.99 15.73
CA GLU A 185 -2.43 17.02 16.75
C GLU A 185 -3.25 15.75 16.68
N LEU A 186 -2.59 14.64 17.02
CA LEU A 186 -3.32 13.39 17.22
C LEU A 186 -4.40 13.66 18.26
N PHE A 187 -5.60 13.14 18.04
CA PHE A 187 -6.77 13.65 18.75
C PHE A 187 -6.67 13.52 20.27
N TYR A 188 -6.14 12.41 20.77
CA TYR A 188 -6.03 12.25 22.22
C TYR A 188 -4.83 13.01 22.76
N GLU A 189 -3.89 13.36 21.89
CA GLU A 189 -2.79 14.23 22.26
C GLU A 189 -3.22 15.69 22.13
N ASN A 190 -4.29 15.93 21.37
CA ASN A 190 -4.80 17.28 21.19
C ASN A 190 -5.39 17.75 22.50
N LYS A 191 -4.97 18.94 22.95
CA LYS A 191 -5.39 19.44 24.24
C LYS A 191 -6.37 20.60 24.12
N ASN A 192 -6.19 21.43 23.09
CA ASN A 192 -7.01 22.61 22.88
C ASN A 192 -7.60 22.68 21.47
N PHE A 193 -8.93 22.58 21.39
CA PHE A 193 -9.65 22.56 20.11
C PHE A 193 -9.47 23.83 19.30
N ALA A 194 -9.36 24.95 19.99
CA ALA A 194 -9.13 26.23 19.36
C ALA A 194 -7.75 26.30 18.68
N ARG A 195 -6.76 25.64 19.30
CA ARG A 195 -5.39 25.69 18.80
C ARG A 195 -5.06 24.72 17.66
N TYR A 196 -5.52 23.47 17.79
CA TYR A 196 -5.14 22.41 16.85
C TYR A 196 -6.31 21.66 16.20
N VAL A 197 -6.13 21.26 14.94
CA VAL A 197 -7.08 20.38 14.28
C VAL A 197 -6.77 18.94 14.69
N SER A 198 -7.81 18.19 15.04
CA SER A 198 -7.63 16.84 15.53
C SER A 198 -7.51 15.82 14.40
N LEU A 199 -6.50 14.97 14.50
CA LEU A 199 -6.32 13.91 13.53
C LEU A 199 -6.77 12.60 14.21
N VAL A 200 -7.71 11.91 13.58
CA VAL A 200 -8.27 10.68 14.12
C VAL A 200 -7.98 9.53 13.17
N PRO A 201 -7.07 8.64 13.56
CA PRO A 201 -6.73 7.51 12.68
C PRO A 201 -7.93 6.58 12.54
N THR A 202 -8.20 6.12 11.32
CA THR A 202 -9.36 5.30 11.08
C THR A 202 -9.04 4.23 10.06
N SER A 203 -9.89 3.20 10.05
CA SER A 203 -9.91 2.22 8.97
C SER A 203 -11.34 1.97 8.50
N ALA A 204 -11.66 2.34 7.27
CA ALA A 204 -12.95 1.99 6.72
C ALA A 204 -13.04 0.48 6.56
N HIS A 205 -11.87 -0.16 6.47
CA HIS A 205 -11.80 -1.62 6.38
C HIS A 205 -12.21 -2.31 7.67
N THR A 206 -11.62 -1.92 8.80
CA THR A 206 -11.79 -2.65 10.06
C THR A 206 -12.75 -1.96 11.02
N GLY A 207 -13.04 -0.70 10.77
CA GLY A 207 -13.90 0.08 11.65
C GLY A 207 -13.17 0.74 12.80
N GLU A 208 -11.87 0.45 12.93
CA GLU A 208 -11.05 1.02 14.00
C GLU A 208 -10.97 2.55 13.87
N GLY A 209 -11.04 3.23 15.01
CA GLY A 209 -10.96 4.69 15.03
C GLY A 209 -12.32 5.37 14.87
N ILE A 210 -13.25 4.67 14.23
CA ILE A 210 -14.58 5.25 14.02
C ILE A 210 -15.32 5.62 15.33
N PRO A 211 -15.23 4.78 16.39
CA PRO A 211 -15.82 5.20 17.67
C PRO A 211 -15.26 6.53 18.18
N ASP A 212 -13.94 6.65 18.11
CA ASP A 212 -13.26 7.87 18.49
C ASP A 212 -13.79 9.05 17.69
N MET A 213 -13.95 8.82 16.38
N MET A 213 -13.97 8.83 16.39
CA MET A 213 -14.42 9.88 15.47
CA MET A 213 -14.38 9.90 15.51
C MET A 213 -15.80 10.37 15.82
C MET A 213 -15.79 10.38 15.82
N LEU A 214 -16.73 9.44 15.96
CA LEU A 214 -18.12 9.79 16.27
C LEU A 214 -18.19 10.50 17.62
N LYS A 215 -17.50 9.95 18.63
CA LYS A 215 -17.49 10.57 19.95
C LYS A 215 -16.94 11.99 19.89
N LEU A 216 -15.87 12.19 19.12
CA LEU A 216 -15.26 13.52 19.02
C LEU A 216 -16.19 14.51 18.29
N ILE A 217 -16.80 14.08 17.19
CA ILE A 217 -17.73 14.92 16.46
C ILE A 217 -18.85 15.39 17.39
N VAL A 218 -19.45 14.43 18.11
CA VAL A 218 -20.50 14.76 19.05
C VAL A 218 -20.01 15.73 20.14
N GLN A 219 -18.81 15.46 20.65
CA GLN A 219 -18.22 16.27 21.72
C GLN A 219 -18.03 17.72 21.28
N LEU A 220 -17.47 17.91 20.09
CA LEU A 220 -17.20 19.24 19.57
C LEU A 220 -18.50 19.99 19.31
N CYS A 221 -19.46 19.28 18.71
CA CYS A 221 -20.74 19.92 18.42
C CYS A 221 -21.43 20.38 19.70
N GLN A 222 -21.41 19.52 20.72
CA GLN A 222 -22.04 19.84 22.00
C GLN A 222 -21.33 20.96 22.77
N GLU A 223 -20.01 20.83 22.91
CA GLU A 223 -19.25 21.74 23.77
C GLU A 223 -19.12 23.11 23.14
N ARG A 224 -18.93 23.14 21.82
CA ARG A 224 -18.63 24.39 21.16
C ARG A 224 -19.86 25.00 20.51
N MET A 225 -20.82 24.18 20.09
CA MET A 225 -21.94 24.69 19.31
C MET A 225 -23.31 24.41 19.95
N ALA A 226 -23.35 24.34 21.28
CA ALA A 226 -24.60 24.05 21.98
C ALA A 226 -25.66 25.09 21.69
N GLU A 234 -36.64 30.27 13.67
CA GLU A 234 -36.49 30.59 12.26
C GLU A 234 -36.20 29.35 11.44
N LEU A 235 -36.74 29.30 10.23
CA LEU A 235 -36.50 28.16 9.34
C LEU A 235 -35.15 28.28 8.64
N GLN A 236 -34.40 27.17 8.63
CA GLN A 236 -33.17 27.10 7.88
C GLN A 236 -33.20 25.86 6.99
N ALA A 237 -33.25 26.09 5.67
CA ALA A 237 -33.32 25.00 4.69
C ALA A 237 -32.61 25.40 3.41
N THR A 238 -31.83 24.47 2.87
CA THR A 238 -30.93 24.76 1.75
C THR A 238 -31.10 23.76 0.61
N VAL A 239 -31.13 24.27 -0.63
CA VAL A 239 -31.18 23.40 -1.79
C VAL A 239 -29.80 22.81 -2.00
N LEU A 240 -29.69 21.50 -1.81
CA LEU A 240 -28.40 20.84 -1.94
C LEU A 240 -28.25 20.33 -3.39
N GLU A 241 -29.31 19.76 -3.95
CA GLU A 241 -29.24 19.30 -5.34
C GLU A 241 -30.51 19.59 -6.13
N VAL A 242 -30.38 19.68 -7.45
CA VAL A 242 -31.51 19.89 -8.34
C VAL A 242 -31.57 18.75 -9.35
N LYS A 243 -32.67 17.99 -9.37
CA LYS A 243 -32.73 16.77 -10.18
C LYS A 243 -33.91 16.76 -11.12
N ALA A 244 -33.64 16.45 -12.37
CA ALA A 244 -34.65 16.42 -13.43
C ALA A 244 -35.25 15.02 -13.59
N GLY A 249 -40.68 15.24 -12.89
CA GLY A 249 -40.08 16.47 -13.39
C GLY A 249 -38.95 16.95 -12.51
N VAL A 250 -38.67 18.25 -12.55
CA VAL A 250 -37.60 18.80 -11.73
C VAL A 250 -38.01 18.80 -10.26
N THR A 251 -37.20 18.14 -9.43
CA THR A 251 -37.41 18.09 -7.98
C THR A 251 -36.19 18.70 -7.33
N ILE A 252 -36.27 19.07 -6.04
CA ILE A 252 -35.08 19.58 -5.38
C ILE A 252 -34.76 18.79 -4.11
N ASP A 253 -33.49 18.44 -3.92
CA ASP A 253 -33.07 17.78 -2.70
C ASP A 253 -32.56 18.83 -1.73
N VAL A 254 -33.18 18.85 -0.56
CA VAL A 254 -33.06 19.92 0.41
C VAL A 254 -32.53 19.41 1.76
N ILE A 255 -31.67 20.20 2.40
CA ILE A 255 -31.26 19.90 3.76
C ILE A 255 -32.02 20.82 4.71
N LEU A 256 -32.88 20.25 5.53
CA LEU A 256 -33.66 21.04 6.49
C LEU A 256 -32.89 21.09 7.80
N SER A 257 -32.21 22.20 8.03
CA SER A 257 -31.36 22.37 9.20
C SER A 257 -32.12 22.83 10.44
N ASN A 258 -33.13 23.67 10.22
CA ASN A 258 -33.92 24.14 11.34
C ASN A 258 -35.36 24.43 10.93
N GLY A 259 -36.30 24.15 11.83
CA GLY A 259 -37.70 24.45 11.55
C GLY A 259 -38.46 23.30 10.95
N ILE A 260 -39.65 23.62 10.44
CA ILE A 260 -40.57 22.62 9.91
C ILE A 260 -40.98 22.95 8.46
N LEU A 261 -41.00 21.93 7.61
CA LEU A 261 -41.57 22.09 6.27
C LEU A 261 -42.86 21.28 6.20
N ARG A 262 -43.86 21.83 5.52
CA ARG A 262 -45.16 21.17 5.37
C ARG A 262 -45.61 21.09 3.92
N GLU A 263 -46.35 20.02 3.63
CA GLU A 263 -46.98 19.85 2.34
C GLU A 263 -47.90 21.03 2.04
N GLY A 264 -47.76 21.59 0.84
CA GLY A 264 -48.60 22.72 0.45
C GLY A 264 -48.03 24.08 0.84
N ASP A 265 -46.89 24.09 1.52
CA ASP A 265 -46.23 25.33 1.92
C ASP A 265 -45.89 26.19 0.72
N ARG A 266 -46.13 27.49 0.82
CA ARG A 266 -45.72 28.43 -0.22
C ARG A 266 -44.24 28.76 -0.03
N ILE A 267 -43.44 28.42 -1.04
CA ILE A 267 -41.99 28.55 -0.95
C ILE A 267 -41.41 29.44 -2.05
N VAL A 268 -40.38 30.20 -1.70
CA VAL A 268 -39.59 30.93 -2.67
C VAL A 268 -38.15 30.47 -2.56
N LEU A 269 -37.49 30.40 -3.71
CA LEU A 269 -36.08 30.04 -3.75
C LEU A 269 -35.38 30.73 -4.92
N CYS A 270 -34.05 30.67 -4.94
N CYS A 270 -34.06 30.64 -4.94
CA CYS A 270 -33.28 31.31 -5.99
CA CYS A 270 -33.25 31.25 -5.99
C CYS A 270 -33.33 30.52 -7.30
C CYS A 270 -33.36 30.50 -7.31
N GLY A 271 -33.57 31.24 -8.39
CA GLY A 271 -33.64 30.63 -9.70
C GLY A 271 -32.70 31.30 -10.68
N LEU A 272 -32.34 30.59 -11.75
CA LEU A 272 -31.40 31.10 -12.75
C LEU A 272 -31.87 32.41 -13.37
N GLU A 273 -33.16 32.50 -13.67
CA GLU A 273 -33.69 33.69 -14.34
C GLU A 273 -34.50 34.59 -13.42
N GLY A 274 -34.44 34.33 -12.12
CA GLY A 274 -35.17 35.15 -11.17
C GLY A 274 -35.73 34.27 -10.07
N PRO A 275 -36.36 34.90 -9.06
CA PRO A 275 -36.93 34.14 -7.95
C PRO A 275 -37.93 33.10 -8.45
N ILE A 276 -38.01 31.96 -7.77
CA ILE A 276 -39.00 30.94 -8.08
C ILE A 276 -39.97 30.89 -6.91
N LYS A 277 -41.26 30.99 -7.21
CA LYS A 277 -42.28 30.88 -6.18
C LYS A 277 -43.23 29.74 -6.55
N THR A 278 -43.47 28.84 -5.60
CA THR A 278 -44.32 27.70 -5.86
C THR A 278 -44.85 27.14 -4.56
N ASN A 279 -45.52 25.99 -4.63
CA ASN A 279 -46.04 25.34 -3.44
C ASN A 279 -45.57 23.91 -3.40
N ILE A 280 -45.15 23.47 -2.20
CA ILE A 280 -44.68 22.10 -2.04
C ILE A 280 -45.82 21.13 -2.35
N ARG A 281 -45.66 20.38 -3.43
CA ARG A 281 -46.63 19.36 -3.80
C ARG A 281 -46.47 18.14 -2.91
N ALA A 282 -45.22 17.72 -2.73
CA ALA A 282 -44.94 16.52 -1.94
C ALA A 282 -43.61 16.61 -1.21
N LEU A 283 -43.58 16.06 0.00
CA LEU A 283 -42.34 15.89 0.76
C LEU A 283 -42.00 14.40 0.77
N LEU A 284 -40.88 14.07 0.13
CA LEU A 284 -40.58 12.69 -0.19
C LEU A 284 -39.31 12.18 0.50
N THR A 285 -39.40 11.00 1.09
CA THR A 285 -38.20 10.32 1.59
C THR A 285 -38.17 8.91 1.00
N PRO A 286 -36.99 8.26 0.98
CA PRO A 286 -36.95 6.95 0.32
C PRO A 286 -37.79 5.91 1.06
N ALA A 287 -38.47 5.04 0.32
CA ALA A 287 -39.25 3.97 0.91
C ALA A 287 -38.37 2.86 1.46
N PRO A 288 -38.77 2.26 2.59
CA PRO A 288 -38.01 1.18 3.23
C PRO A 288 -38.34 -0.20 2.65
N LYS A 295 -43.51 -2.31 -2.37
CA LYS A 295 -43.56 -0.92 -1.92
C LYS A 295 -43.56 0.05 -3.10
N GLY A 296 -43.77 1.33 -2.79
CA GLY A 296 -43.56 2.40 -3.75
C GLY A 296 -42.09 2.79 -3.73
N GLN A 297 -41.74 3.89 -4.37
CA GLN A 297 -40.36 4.32 -4.41
C GLN A 297 -40.08 5.33 -3.29
N TYR A 298 -41.05 6.21 -3.04
CA TYR A 298 -40.92 7.18 -1.97
C TYR A 298 -42.12 7.11 -1.04
N ILE A 299 -41.93 7.57 0.19
CA ILE A 299 -43.05 7.79 1.10
C ILE A 299 -43.24 9.30 1.26
N HIS A 300 -44.51 9.69 1.23
CA HIS A 300 -44.94 11.09 1.35
C HIS A 300 -45.07 11.48 2.81
N HIS A 301 -44.88 12.77 3.09
CA HIS A 301 -45.04 13.28 4.45
C HIS A 301 -45.92 14.51 4.46
N LYS A 302 -46.84 14.60 5.43
CA LYS A 302 -47.60 15.82 5.62
C LYS A 302 -46.63 16.91 6.04
N GLU A 303 -45.67 16.55 6.89
CA GLU A 303 -44.63 17.49 7.29
C GLU A 303 -43.34 16.81 7.70
N VAL A 304 -42.23 17.54 7.65
CA VAL A 304 -40.94 17.06 8.15
C VAL A 304 -40.26 18.11 9.01
N LYS A 305 -39.51 17.62 10.00
CA LYS A 305 -38.80 18.46 10.98
C LYS A 305 -37.29 18.29 10.86
N ALA A 306 -36.55 19.34 11.20
CA ALA A 306 -35.09 19.29 11.27
C ALA A 306 -34.65 18.33 12.38
N ALA A 307 -33.53 17.63 12.18
CA ALA A 307 -32.69 17.78 10.99
C ALA A 307 -33.02 16.68 9.99
N GLN A 308 -33.20 17.06 8.74
CA GLN A 308 -33.73 16.12 7.76
C GLN A 308 -33.24 16.42 6.35
N GLY A 309 -32.91 15.38 5.59
CA GLY A 309 -32.67 15.51 4.16
C GLY A 309 -33.91 15.03 3.43
N VAL A 310 -34.52 15.92 2.63
CA VAL A 310 -35.82 15.57 2.04
C VAL A 310 -35.90 15.98 0.56
N LYS A 311 -36.70 15.24 -0.22
CA LYS A 311 -36.95 15.60 -1.61
C LYS A 311 -38.24 16.42 -1.72
N ILE A 312 -38.17 17.55 -2.41
CA ILE A 312 -39.36 18.36 -2.63
C ILE A 312 -39.82 18.28 -4.08
N SER A 313 -41.08 17.89 -4.24
CA SER A 313 -41.78 17.92 -5.51
C SER A 313 -42.69 19.14 -5.52
N ALA A 314 -42.61 19.92 -6.60
CA ALA A 314 -43.40 21.13 -6.77
C ALA A 314 -43.32 21.57 -8.22
N PRO A 315 -44.41 22.18 -8.74
CA PRO A 315 -44.40 22.65 -10.13
C PRO A 315 -43.44 23.84 -10.30
N GLY A 316 -42.86 23.98 -11.50
CA GLY A 316 -42.02 25.12 -11.83
C GLY A 316 -40.72 25.25 -11.06
N LEU A 317 -40.02 24.14 -10.81
CA LEU A 317 -38.73 24.20 -10.12
C LEU A 317 -37.56 24.35 -11.10
N GLU A 318 -37.88 24.45 -12.40
CA GLU A 318 -36.86 24.66 -13.42
C GLU A 318 -36.02 25.89 -13.15
N GLY A 319 -34.70 25.73 -13.23
CA GLY A 319 -33.77 26.82 -13.03
C GLY A 319 -33.38 27.05 -11.59
N ALA A 320 -33.77 26.14 -10.70
CA ALA A 320 -33.43 26.28 -9.30
C ALA A 320 -31.90 26.28 -9.10
N ILE A 321 -31.44 27.08 -8.15
CA ILE A 321 -30.01 27.25 -7.93
C ILE A 321 -29.50 26.43 -6.74
N ALA A 322 -28.51 25.57 -6.98
CA ALA A 322 -27.92 24.78 -5.89
C ALA A 322 -27.20 25.69 -4.89
N GLY A 323 -27.45 25.47 -3.61
CA GLY A 323 -26.89 26.29 -2.56
C GLY A 323 -27.87 27.37 -2.12
N SER A 324 -29.01 27.44 -2.80
CA SER A 324 -30.01 28.44 -2.49
C SER A 324 -30.72 28.16 -1.18
N ARG A 325 -31.07 29.23 -0.47
CA ARG A 325 -31.96 29.12 0.68
C ARG A 325 -33.38 28.83 0.20
N LEU A 326 -34.17 28.22 1.07
CA LEU A 326 -35.56 27.95 0.78
C LEU A 326 -36.39 28.67 1.83
N LEU A 327 -37.24 29.60 1.41
CA LEU A 327 -38.03 30.35 2.39
C LEU A 327 -39.52 30.04 2.26
N VAL A 328 -40.21 29.98 3.39
CA VAL A 328 -41.65 29.73 3.39
C VAL A 328 -42.42 31.03 3.64
N VAL A 329 -43.36 31.33 2.74
CA VAL A 329 -44.13 32.56 2.84
C VAL A 329 -45.31 32.33 3.77
N GLY A 330 -45.23 32.87 4.97
CA GLY A 330 -46.29 32.77 5.96
C GLY A 330 -47.36 33.81 5.72
N PRO A 331 -48.46 33.74 6.48
CA PRO A 331 -49.61 34.63 6.32
C PRO A 331 -49.28 36.12 6.47
N ASP A 332 -48.43 36.46 7.44
CA ASP A 332 -48.03 37.85 7.63
C ASP A 332 -46.99 38.30 6.61
N ASP A 333 -46.20 37.34 6.11
CA ASP A 333 -45.08 37.65 5.21
C ASP A 333 -45.49 38.26 3.86
N ASP A 334 -44.61 39.09 3.32
CA ASP A 334 -44.75 39.71 2.01
C ASP A 334 -43.92 38.92 0.98
N GLU A 335 -44.59 38.20 0.09
CA GLU A 335 -43.93 37.30 -0.85
C GLU A 335 -42.89 38.00 -1.74
N GLU A 336 -43.17 39.25 -2.14
CA GLU A 336 -42.24 40.00 -2.98
C GLU A 336 -40.91 40.24 -2.27
N GLU A 337 -40.98 40.64 -1.01
CA GLU A 337 -39.80 40.91 -0.21
C GLU A 337 -38.98 39.63 -0.04
N LEU A 338 -39.68 38.51 0.14
CA LEU A 338 -39.01 37.21 0.31
C LEU A 338 -38.33 36.77 -0.97
N GLU A 339 -38.99 37.03 -2.11
CA GLU A 339 -38.39 36.78 -3.43
C GLU A 339 -37.08 37.57 -3.56
N GLU A 340 -37.16 38.84 -3.21
CA GLU A 340 -35.99 39.71 -3.29
C GLU A 340 -34.87 39.16 -2.39
N GLU A 341 -35.26 38.72 -1.20
CA GLU A 341 -34.32 38.21 -0.22
C GLU A 341 -33.61 36.94 -0.70
N VAL A 342 -34.35 35.99 -1.25
CA VAL A 342 -33.71 34.76 -1.72
C VAL A 342 -32.86 35.02 -2.95
N GLU A 343 -33.29 35.94 -3.82
CA GLU A 343 -32.50 36.23 -5.01
C GLU A 343 -31.25 37.06 -4.68
N SER A 344 -31.24 37.70 -3.52
CA SER A 344 -30.19 38.65 -3.15
C SER A 344 -28.79 38.05 -3.03
N ASP A 345 -28.69 36.76 -2.70
CA ASP A 345 -27.40 36.07 -2.66
C ASP A 345 -26.74 36.06 -4.04
N LEU A 346 -27.53 35.56 -4.99
CA LEU A 346 -27.07 35.43 -6.37
C LEU A 346 -26.82 36.82 -6.94
N GLN A 347 -27.70 37.77 -6.64
CA GLN A 347 -27.49 39.14 -7.13
C GLN A 347 -26.22 39.75 -6.53
N SER A 348 -25.94 39.44 -5.27
CA SER A 348 -24.74 39.92 -4.60
C SER A 348 -23.52 39.36 -5.31
N LEU A 349 -23.65 38.17 -5.87
CA LEU A 349 -22.54 37.65 -6.66
C LEU A 349 -22.46 38.31 -8.06
N PHE A 350 -23.60 38.49 -8.72
CA PHE A 350 -23.64 39.07 -10.06
C PHE A 350 -23.10 40.49 -10.11
N SER A 351 -23.23 41.21 -9.00
CA SER A 351 -22.82 42.61 -8.94
C SER A 351 -21.30 42.77 -8.75
N ARG A 352 -20.63 41.69 -8.35
CA ARG A 352 -19.20 41.74 -8.09
C ARG A 352 -18.42 41.69 -9.40
N VAL A 353 -18.53 42.76 -10.18
CA VAL A 353 -17.87 42.86 -11.48
C VAL A 353 -17.10 44.17 -11.60
N GLU A 354 -16.21 44.24 -12.58
CA GLU A 354 -15.42 45.44 -12.80
C GLU A 354 -16.28 46.59 -13.31
N LYS A 355 -16.06 47.76 -12.72
CA LYS A 355 -16.72 48.98 -13.14
C LYS A 355 -16.30 49.31 -14.58
N THR A 356 -15.03 49.04 -14.87
CA THR A 356 -14.45 49.26 -16.18
C THR A 356 -15.19 48.47 -17.27
N GLY A 357 -15.70 47.30 -16.90
CA GLY A 357 -16.41 46.45 -17.84
C GLY A 357 -15.44 45.60 -18.64
N LYS A 358 -14.16 45.68 -18.29
CA LYS A 358 -13.11 44.92 -18.94
C LYS A 358 -12.62 43.80 -18.02
N GLY A 359 -12.91 42.56 -18.38
CA GLY A 359 -12.53 41.44 -17.56
C GLY A 359 -13.00 40.12 -18.12
N VAL A 360 -12.71 39.05 -17.39
CA VAL A 360 -13.09 37.71 -17.80
C VAL A 360 -14.51 37.36 -17.37
N SER A 361 -15.03 36.26 -17.90
CA SER A 361 -16.30 35.73 -17.43
C SER A 361 -15.98 34.60 -16.48
N VAL A 362 -16.76 34.45 -15.41
CA VAL A 362 -16.56 33.33 -14.49
C VAL A 362 -17.86 32.57 -14.32
N GLN A 363 -17.77 31.27 -14.08
CA GLN A 363 -18.95 30.46 -13.86
C GLN A 363 -18.70 29.34 -12.85
N ALA A 364 -19.69 29.02 -12.03
CA ALA A 364 -19.59 27.91 -11.06
C ALA A 364 -20.97 27.29 -10.81
N SER A 365 -21.00 26.12 -10.18
CA SER A 365 -22.23 25.31 -10.05
C SER A 365 -23.14 25.75 -8.93
N THR A 366 -22.56 26.30 -7.88
CA THR A 366 -23.32 26.66 -6.69
C THR A 366 -23.01 28.07 -6.23
N LEU A 367 -23.85 28.62 -5.35
CA LEU A 367 -23.64 29.95 -4.81
C LEU A 367 -22.29 30.03 -4.09
N GLY A 368 -21.99 29.02 -3.28
CA GLY A 368 -20.74 28.96 -2.54
C GLY A 368 -19.49 28.83 -3.40
N SER A 369 -19.55 27.95 -4.41
CA SER A 369 -18.43 27.77 -5.33
C SER A 369 -18.15 29.05 -6.09
N LEU A 370 -19.22 29.70 -6.56
CA LEU A 370 -19.10 30.96 -7.29
C LEU A 370 -18.48 32.01 -6.39
N GLU A 371 -18.96 32.10 -5.14
CA GLU A 371 -18.43 33.05 -4.18
C GLU A 371 -16.94 32.84 -3.97
N ALA A 372 -16.55 31.57 -3.80
CA ALA A 372 -15.15 31.21 -3.61
C ALA A 372 -14.31 31.63 -4.82
N LEU A 373 -14.85 31.40 -6.02
CA LEU A 373 -14.14 31.75 -7.24
C LEU A 373 -13.93 33.26 -7.33
N LEU A 374 -14.98 34.02 -7.04
CA LEU A 374 -14.89 35.48 -7.08
C LEU A 374 -13.87 36.02 -6.04
N ASP A 375 -13.89 35.45 -4.83
CA ASP A 375 -12.95 35.86 -3.79
C ASP A 375 -11.50 35.57 -4.20
N PHE A 376 -11.30 34.36 -4.73
CA PHE A 376 -9.97 33.93 -5.16
C PHE A 376 -9.44 34.82 -6.27
N LEU A 377 -10.25 35.04 -7.30
CA LEU A 377 -9.81 35.86 -8.42
C LEU A 377 -9.56 37.29 -7.98
N LYS A 378 -10.36 37.80 -7.06
CA LYS A 378 -10.12 39.13 -6.53
C LYS A 378 -8.77 39.19 -5.80
N ASP A 379 -8.44 38.13 -5.07
CA ASP A 379 -7.10 38.04 -4.45
C ASP A 379 -6.01 38.05 -5.51
N CYS A 380 -6.26 37.36 -6.63
CA CYS A 380 -5.29 37.27 -7.71
C CYS A 380 -5.25 38.54 -8.56
N LYS A 381 -6.11 39.49 -8.23
CA LYS A 381 -6.20 40.78 -8.93
C LYS A 381 -6.68 40.62 -10.38
N ILE A 382 -7.15 39.42 -10.71
CA ILE A 382 -7.77 39.16 -12.01
C ILE A 382 -9.16 39.81 -12.11
N PRO A 383 -9.36 40.65 -13.13
CA PRO A 383 -10.63 41.38 -13.26
C PRO A 383 -11.73 40.52 -13.87
N VAL A 384 -12.94 40.62 -13.31
CA VAL A 384 -14.07 39.85 -13.83
C VAL A 384 -15.15 40.80 -14.36
N ALA A 385 -15.61 40.56 -15.58
CA ALA A 385 -16.63 41.40 -16.18
C ALA A 385 -17.99 40.72 -16.24
N ASN A 386 -17.99 39.39 -16.25
CA ASN A 386 -19.23 38.64 -16.35
C ASN A 386 -19.28 37.48 -15.36
N VAL A 387 -20.42 37.32 -14.71
CA VAL A 387 -20.62 36.27 -13.73
C VAL A 387 -21.79 35.41 -14.14
N GLY A 388 -21.58 34.09 -14.13
CA GLY A 388 -22.65 33.16 -14.48
C GLY A 388 -22.71 32.01 -13.49
N ILE A 389 -23.85 31.33 -13.44
CA ILE A 389 -24.03 30.22 -12.52
C ILE A 389 -24.64 29.04 -13.25
N GLY A 390 -24.36 27.82 -12.80
CA GLY A 390 -24.88 26.65 -13.47
C GLY A 390 -24.02 26.30 -14.66
N PRO A 391 -24.42 25.26 -15.40
CA PRO A 391 -23.70 24.85 -16.61
C PRO A 391 -23.58 25.96 -17.66
N VAL A 392 -22.47 25.97 -18.39
CA VAL A 392 -22.18 27.02 -19.37
C VAL A 392 -22.94 26.80 -20.68
N TYR A 393 -23.78 27.76 -21.07
CA TYR A 393 -24.56 27.68 -22.32
C TYR A 393 -24.13 28.78 -23.29
N LYS A 394 -24.65 28.75 -24.53
CA LYS A 394 -24.23 29.74 -25.53
C LYS A 394 -24.40 31.18 -25.08
N ARG A 395 -25.43 31.49 -24.30
CA ARG A 395 -25.64 32.87 -23.87
C ARG A 395 -24.46 33.36 -23.02
N ASP A 396 -23.93 32.49 -22.17
CA ASP A 396 -22.78 32.82 -21.34
C ASP A 396 -21.56 33.09 -22.22
N VAL A 397 -21.35 32.23 -23.21
CA VAL A 397 -20.23 32.35 -24.14
C VAL A 397 -20.35 33.59 -25.04
N MET A 398 -21.58 33.97 -25.38
CA MET A 398 -21.86 35.17 -26.19
C MET A 398 -21.51 36.40 -25.39
N GLN A 399 -22.01 36.39 -24.15
CA GLN A 399 -21.72 37.44 -23.19
C GLN A 399 -20.21 37.62 -23.06
N CYS A 400 -19.49 36.50 -22.99
CA CYS A 400 -18.02 36.58 -22.98
C CYS A 400 -17.49 37.12 -24.30
N GLY A 401 -18.15 36.77 -25.38
CA GLY A 401 -17.72 37.12 -26.72
C GLY A 401 -17.76 38.60 -27.00
N ILE A 402 -18.64 39.32 -26.31
CA ILE A 402 -18.64 40.78 -26.46
C ILE A 402 -17.30 41.41 -26.02
N MET A 403 -16.67 40.78 -25.02
CA MET A 403 -15.38 41.26 -24.53
C MET A 403 -14.33 41.21 -25.63
N LEU A 404 -14.52 40.27 -26.53
CA LEU A 404 -13.66 40.07 -27.70
C LEU A 404 -13.62 41.33 -28.55
N GLU A 405 -14.78 41.95 -28.73
CA GLU A 405 -14.83 43.23 -29.40
C GLU A 405 -14.22 44.27 -28.48
N LYS A 406 -14.50 44.15 -27.19
CA LYS A 406 -14.06 45.16 -26.23
C LYS A 406 -12.57 45.07 -25.86
N ALA A 407 -12.16 43.94 -25.30
CA ALA A 407 -10.77 43.70 -24.93
C ALA A 407 -10.45 42.21 -25.03
N PRO A 408 -9.91 41.80 -26.19
CA PRO A 408 -9.78 40.40 -26.62
C PRO A 408 -9.05 39.47 -25.64
N ASP A 409 -8.04 39.99 -24.94
CA ASP A 409 -7.25 39.17 -24.03
C ASP A 409 -8.11 38.56 -22.92
N TYR A 410 -9.12 39.30 -22.47
CA TYR A 410 -9.97 38.86 -21.37
C TYR A 410 -11.21 38.13 -21.87
N ALA A 411 -11.25 37.81 -23.16
CA ALA A 411 -12.39 37.10 -23.72
C ALA A 411 -12.26 35.62 -23.42
N VAL A 412 -12.17 35.28 -22.14
CA VAL A 412 -12.03 33.91 -21.71
C VAL A 412 -12.99 33.64 -20.56
N MET A 413 -13.32 32.36 -20.35
CA MET A 413 -14.17 31.98 -19.23
C MET A 413 -13.41 31.09 -18.25
N LEU A 414 -13.47 31.47 -16.98
CA LEU A 414 -12.93 30.63 -15.92
C LEU A 414 -14.09 29.88 -15.25
N CYS A 415 -14.13 28.57 -15.48
CA CYS A 415 -15.27 27.77 -15.09
C CYS A 415 -14.85 26.74 -14.04
N PHE A 416 -15.42 26.89 -12.85
CA PHE A 416 -15.04 26.10 -11.69
C PHE A 416 -16.07 25.03 -11.37
N ASP A 417 -15.67 23.78 -11.55
CA ASP A 417 -16.50 22.61 -11.22
C ASP A 417 -17.87 22.68 -11.90
N VAL A 418 -17.88 23.00 -13.19
CA VAL A 418 -19.12 23.07 -13.95
C VAL A 418 -19.07 22.36 -15.28
N LYS A 419 -20.23 21.88 -15.72
CA LYS A 419 -20.36 21.28 -17.04
C LYS A 419 -20.40 22.36 -18.11
N VAL A 420 -19.85 22.04 -19.27
CA VAL A 420 -19.90 22.94 -20.41
C VAL A 420 -20.69 22.28 -21.53
N ASP A 421 -21.80 22.92 -21.93
CA ASP A 421 -22.65 22.40 -22.99
C ASP A 421 -21.88 22.30 -24.30
N LYS A 422 -22.11 21.23 -25.04
CA LYS A 422 -21.35 20.95 -26.26
C LYS A 422 -21.48 22.06 -27.30
N GLU A 423 -22.71 22.57 -27.47
CA GLU A 423 -22.94 23.66 -28.40
C GLU A 423 -22.26 24.95 -27.95
N ALA A 424 -22.20 25.15 -26.64
CA ALA A 424 -21.50 26.30 -26.10
C ALA A 424 -20.01 26.22 -26.41
N GLN A 425 -19.45 25.03 -26.28
CA GLN A 425 -18.04 24.82 -26.57
C GLN A 425 -17.77 25.00 -28.06
N GLN A 426 -18.65 24.46 -28.90
CA GLN A 426 -18.52 24.61 -30.34
C GLN A 426 -18.56 26.08 -30.74
N TYR A 427 -19.54 26.80 -30.21
CA TYR A 427 -19.68 28.21 -30.49
C TYR A 427 -18.45 28.97 -30.00
N ALA A 428 -17.88 28.54 -28.89
CA ALA A 428 -16.67 29.17 -28.38
C ALA A 428 -15.50 28.97 -29.34
N ASP A 429 -15.33 27.73 -29.81
CA ASP A 429 -14.23 27.40 -30.72
C ASP A 429 -14.37 28.12 -32.06
N GLU A 430 -15.61 28.28 -32.51
CA GLU A 430 -15.88 28.98 -33.77
C GLU A 430 -15.52 30.46 -33.68
N ASN A 431 -15.69 31.03 -32.50
CA ASN A 431 -15.54 32.47 -32.32
C ASN A 431 -14.32 32.86 -31.50
N GLY A 432 -13.36 31.95 -31.36
CA GLY A 432 -12.12 32.25 -30.67
C GLY A 432 -12.29 32.67 -29.21
N ILE A 433 -13.24 32.06 -28.53
CA ILE A 433 -13.40 32.28 -27.09
C ILE A 433 -12.88 31.05 -26.35
N LYS A 434 -11.99 31.28 -25.39
CA LYS A 434 -11.39 30.17 -24.67
C LYS A 434 -12.16 29.85 -23.39
N ILE A 435 -12.50 28.58 -23.21
CA ILE A 435 -13.18 28.13 -22.01
C ILE A 435 -12.24 27.31 -21.14
N PHE A 436 -11.89 27.84 -19.98
CA PHE A 436 -11.01 27.15 -19.05
C PHE A 436 -11.84 26.50 -17.95
N THR A 437 -11.65 25.19 -17.75
CA THR A 437 -12.39 24.45 -16.73
C THR A 437 -11.43 23.82 -15.71
N ALA A 438 -11.84 23.75 -14.45
CA ALA A 438 -11.02 23.12 -13.41
C ALA A 438 -11.83 22.63 -12.22
N ASP A 439 -11.43 21.47 -11.70
CA ASP A 439 -11.94 20.94 -10.43
C ASP A 439 -11.28 21.62 -9.25
N ILE A 440 -10.14 22.26 -9.50
CA ILE A 440 -9.43 23.01 -8.48
C ILE A 440 -9.26 24.46 -8.94
N ILE A 441 -9.56 25.38 -8.04
CA ILE A 441 -9.60 26.80 -8.34
C ILE A 441 -8.24 27.38 -8.78
N TYR A 442 -7.16 26.84 -8.20
CA TYR A 442 -5.79 27.26 -8.52
C TYR A 442 -5.48 27.14 -10.00
N HIS A 443 -5.94 26.02 -10.56
CA HIS A 443 -5.67 25.66 -11.95
C HIS A 443 -6.25 26.69 -12.92
N LEU A 444 -7.38 27.29 -12.55
CA LEU A 444 -7.97 28.34 -13.37
C LEU A 444 -7.00 29.53 -13.45
N PHE A 445 -6.41 29.87 -12.32
CA PHE A 445 -5.41 30.93 -12.28
C PHE A 445 -4.20 30.59 -13.14
N ASP A 446 -3.70 29.36 -12.99
CA ASP A 446 -2.54 28.93 -13.76
C ASP A 446 -2.80 29.05 -15.26
N GLN A 447 -3.95 28.50 -15.67
CA GLN A 447 -4.36 28.51 -17.07
C GLN A 447 -4.51 29.92 -17.61
N PHE A 448 -5.07 30.81 -16.79
CA PHE A 448 -5.26 32.19 -17.21
C PHE A 448 -3.91 32.90 -17.39
N THR A 449 -2.99 32.68 -16.45
CA THR A 449 -1.68 33.30 -16.54
C THR A 449 -0.97 32.80 -17.80
N LYS A 450 -1.07 31.50 -18.05
CA LYS A 450 -0.52 30.92 -19.27
C LYS A 450 -1.13 31.59 -20.50
N HIS A 451 -2.45 31.76 -20.51
CA HIS A 451 -3.13 32.45 -21.61
C HIS A 451 -2.59 33.87 -21.85
N MET A 452 -2.47 34.64 -20.78
CA MET A 452 -2.03 36.03 -20.89
C MET A 452 -0.58 36.09 -21.41
N GLN A 453 0.26 35.18 -20.90
CA GLN A 453 1.64 35.14 -21.34
C GLN A 453 1.70 34.74 -22.82
N GLU A 454 0.74 33.93 -23.27
CA GLU A 454 0.63 33.58 -24.68
C GLU A 454 0.25 34.80 -25.53
N GLN A 455 -0.71 35.57 -25.03
CA GLN A 455 -1.14 36.78 -25.73
C GLN A 455 0.02 37.77 -25.87
N LEU A 456 0.83 37.89 -24.81
CA LEU A 456 1.99 38.76 -24.88
C LEU A 456 3.21 38.09 -25.54
N GLU A 457 3.14 36.77 -25.70
CA GLU A 457 4.24 36.01 -26.29
C GLU A 457 4.45 36.37 -27.77
N ASN B 7 5.26 -18.14 22.09
CA ASN B 7 4.50 -17.44 21.06
C ASN B 7 5.33 -17.20 19.81
N LEU B 8 6.01 -18.24 19.33
CA LEU B 8 6.82 -18.14 18.13
C LEU B 8 6.33 -19.07 17.01
N ARG B 9 6.97 -18.98 15.86
CA ARG B 9 6.66 -19.79 14.69
C ARG B 9 7.92 -20.47 14.20
N SER B 10 7.81 -21.35 13.20
CA SER B 10 8.95 -22.15 12.80
C SER B 10 9.90 -21.34 11.94
N PRO B 11 11.18 -21.35 12.32
CA PRO B 11 12.25 -20.76 11.50
C PRO B 11 12.42 -21.51 10.20
N ILE B 12 12.94 -20.84 9.19
CA ILE B 12 13.29 -21.51 7.95
C ILE B 12 14.82 -21.50 7.80
N CYS B 13 15.40 -22.64 7.50
N CYS B 13 15.40 -22.66 7.55
CA CYS B 13 16.85 -22.75 7.40
CA CYS B 13 16.84 -22.77 7.35
C CYS B 13 17.24 -23.20 5.99
C CYS B 13 17.15 -23.13 5.92
N CYS B 14 18.15 -22.47 5.35
CA CYS B 14 18.61 -22.84 4.03
C CYS B 14 19.97 -23.51 4.14
N ILE B 15 20.16 -24.59 3.38
CA ILE B 15 21.43 -25.26 3.33
C ILE B 15 22.06 -24.97 2.00
N LEU B 16 23.16 -24.23 2.01
CA LEU B 16 23.89 -23.87 0.79
C LEU B 16 25.32 -24.34 0.92
N GLY B 17 25.93 -24.72 -0.20
CA GLY B 17 27.30 -25.16 -0.18
C GLY B 17 27.82 -25.40 -1.58
N HIS B 18 29.14 -25.40 -1.73
CA HIS B 18 29.79 -25.80 -2.96
C HIS B 18 29.40 -27.24 -3.29
N VAL B 19 29.38 -27.59 -4.57
CA VAL B 19 28.97 -28.92 -4.98
C VAL B 19 29.90 -29.99 -4.39
N ASP B 20 29.33 -31.15 -4.06
CA ASP B 20 30.06 -32.32 -3.54
C ASP B 20 30.56 -32.13 -2.11
N THR B 21 30.00 -31.16 -1.39
CA THR B 21 30.38 -30.95 0.00
C THR B 21 29.48 -31.77 0.93
N GLY B 22 28.41 -32.33 0.36
CA GLY B 22 27.48 -33.15 1.12
C GLY B 22 26.19 -32.51 1.61
N LYS B 23 25.69 -31.48 0.94
CA LYS B 23 24.45 -30.84 1.38
C LYS B 23 23.24 -31.76 1.31
N THR B 24 23.11 -32.45 0.17
CA THR B 24 21.98 -33.33 -0.07
C THR B 24 22.07 -34.51 0.91
N LYS B 25 23.26 -35.06 1.03
CA LYS B 25 23.48 -36.18 1.93
C LYS B 25 23.22 -35.72 3.36
N LEU B 26 23.52 -34.46 3.66
CA LEU B 26 23.31 -33.91 4.99
C LEU B 26 21.83 -33.81 5.34
N LEU B 27 21.05 -33.20 4.44
CA LEU B 27 19.62 -33.06 4.67
C LEU B 27 18.98 -34.44 4.73
N ASP B 28 19.46 -35.36 3.88
CA ASP B 28 18.98 -36.73 3.88
C ASP B 28 19.22 -37.39 5.22
N LYS B 29 20.41 -37.17 5.78
CA LYS B 29 20.73 -37.78 7.06
C LYS B 29 19.86 -37.18 8.16
N ILE B 30 19.62 -35.87 8.08
CA ILE B 30 18.75 -35.20 9.06
C ILE B 30 17.31 -35.72 8.98
N ARG B 31 16.88 -36.08 7.77
CA ARG B 31 15.50 -36.55 7.54
C ARG B 31 15.20 -37.92 8.13
N GLN B 32 16.23 -38.77 8.22
CA GLN B 32 16.05 -40.17 8.64
C GLN B 32 15.26 -40.33 9.93
N THR B 33 14.31 -41.27 9.92
CA THR B 33 13.48 -41.53 11.08
C THR B 33 13.15 -43.02 11.17
N GLY B 41 4.70 -35.58 16.33
CA GLY B 41 4.93 -34.86 15.09
C GLY B 41 5.93 -35.58 14.20
N GLY B 42 5.55 -35.80 12.94
CA GLY B 42 6.42 -36.54 12.04
C GLY B 42 7.08 -35.65 10.99
N ILE B 43 8.29 -36.03 10.60
CA ILE B 43 9.02 -35.34 9.54
C ILE B 43 8.31 -35.47 8.20
N THR B 44 8.06 -34.34 7.53
CA THR B 44 7.22 -34.35 6.34
C THR B 44 7.91 -33.75 5.11
N GLN B 45 7.93 -34.51 4.03
CA GLN B 45 8.42 -34.01 2.77
C GLN B 45 7.38 -33.08 2.15
N GLN B 46 7.85 -31.89 1.76
CA GLN B 46 7.01 -30.86 1.17
C GLN B 46 7.64 -30.46 -0.17
N ILE B 47 6.99 -29.56 -0.89
CA ILE B 47 7.53 -29.08 -2.16
C ILE B 47 8.82 -28.27 -1.89
N GLY B 48 9.96 -28.81 -2.34
CA GLY B 48 11.22 -28.08 -2.22
C GLY B 48 11.75 -27.84 -0.81
N ALA B 49 11.16 -28.51 0.18
CA ALA B 49 11.54 -28.30 1.57
C ALA B 49 11.10 -29.48 2.46
N THR B 50 11.69 -29.57 3.64
CA THR B 50 11.35 -30.62 4.60
C THR B 50 11.06 -30.04 5.98
N TYR B 51 9.92 -30.39 6.55
CA TYR B 51 9.51 -29.83 7.84
C TYR B 51 9.74 -30.82 8.98
N PHE B 52 10.29 -30.30 10.07
CA PHE B 52 10.62 -31.08 11.24
C PHE B 52 9.85 -30.56 12.45
N PRO B 53 8.85 -31.32 12.92
CA PRO B 53 8.15 -30.89 14.13
C PRO B 53 9.12 -30.87 15.32
N VAL B 54 8.80 -30.08 16.34
CA VAL B 54 9.74 -29.91 17.45
C VAL B 54 10.02 -31.23 18.20
N GLU B 55 9.10 -32.19 18.16
CA GLU B 55 9.31 -33.47 18.83
C GLU B 55 10.44 -34.26 18.16
N ALA B 56 10.44 -34.24 16.83
CA ALA B 56 11.50 -34.90 16.08
C ALA B 56 12.86 -34.24 16.36
N ILE B 57 12.86 -32.91 16.48
CA ILE B 57 14.08 -32.18 16.79
C ILE B 57 14.56 -32.53 18.20
N LYS B 58 13.62 -32.72 19.12
CA LYS B 58 13.94 -33.11 20.48
C LYS B 58 14.61 -34.47 20.48
N GLN B 59 14.10 -35.37 19.66
CA GLN B 59 14.68 -36.72 19.57
C GLN B 59 16.06 -36.69 18.94
N LYS B 60 16.23 -35.89 17.89
CA LYS B 60 17.48 -35.82 17.15
C LYS B 60 18.59 -35.14 17.95
N THR B 61 18.19 -34.37 18.97
CA THR B 61 19.15 -33.62 19.78
C THR B 61 19.28 -34.15 21.21
N ALA B 62 18.63 -35.27 21.50
CA ALA B 62 18.59 -35.78 22.87
C ALA B 62 20.00 -36.07 23.43
N VAL B 63 20.87 -36.61 22.58
CA VAL B 63 22.24 -36.92 23.01
C VAL B 63 23.07 -35.72 23.49
N VAL B 64 22.74 -34.52 23.02
CA VAL B 64 23.44 -33.33 23.49
C VAL B 64 22.52 -32.48 24.35
N ASN B 65 21.45 -33.12 24.82
CA ASN B 65 20.52 -32.49 25.75
C ASN B 65 20.07 -33.52 26.81
N LYS B 66 21.04 -34.27 27.33
CA LYS B 66 20.75 -35.36 28.26
C LYS B 66 20.10 -34.89 29.55
N ASP B 67 20.58 -33.77 30.10
CA ASP B 67 20.02 -33.23 31.33
C ASP B 67 18.59 -32.74 31.09
N GLY B 68 18.31 -32.29 29.87
CA GLY B 68 16.97 -31.85 29.52
C GLY B 68 16.76 -30.38 29.81
N LYS B 69 17.83 -29.70 30.15
CA LYS B 69 17.80 -28.29 30.54
C LYS B 69 17.37 -27.36 29.39
N PHE B 70 17.70 -27.73 28.16
CA PHE B 70 17.43 -26.88 27.00
C PHE B 70 15.95 -26.81 26.65
N GLU B 71 15.41 -25.59 26.62
CA GLU B 71 13.99 -25.40 26.36
C GLU B 71 13.71 -25.02 24.90
N PHE B 72 12.87 -25.80 24.26
CA PHE B 72 12.42 -25.50 22.90
C PHE B 72 11.21 -24.56 22.94
N LYS B 73 11.34 -23.40 22.30
CA LYS B 73 10.27 -22.40 22.26
C LYS B 73 9.61 -22.36 20.89
N VAL B 74 10.00 -23.32 20.05
CA VAL B 74 9.65 -23.30 18.63
C VAL B 74 8.82 -24.52 18.27
N PRO B 75 7.79 -24.34 17.42
CA PRO B 75 6.90 -25.44 16.99
C PRO B 75 7.59 -26.45 16.08
N GLY B 76 8.56 -25.99 15.29
CA GLY B 76 9.21 -26.85 14.32
C GLY B 76 10.30 -26.11 13.54
N LEU B 77 10.93 -26.80 12.61
CA LEU B 77 11.93 -26.17 11.77
C LEU B 77 11.72 -26.57 10.31
N LEU B 78 11.76 -25.60 9.39
CA LEU B 78 11.68 -25.95 7.99
C LEU B 78 13.07 -25.84 7.37
N ILE B 79 13.49 -26.86 6.64
CA ILE B 79 14.80 -26.85 6.03
C ILE B 79 14.70 -26.95 4.51
N ILE B 80 15.41 -26.07 3.81
CA ILE B 80 15.43 -26.07 2.35
C ILE B 80 16.81 -26.48 1.80
N ASP B 81 16.84 -27.48 0.92
CA ASP B 81 18.09 -27.86 0.26
C ASP B 81 18.32 -26.95 -0.94
N THR B 82 19.46 -26.27 -0.94
CA THR B 82 19.75 -25.21 -1.91
C THR B 82 21.04 -25.46 -2.68
N PRO B 83 20.93 -26.08 -3.88
CA PRO B 83 22.12 -26.15 -4.72
C PRO B 83 22.25 -24.85 -5.52
N GLY B 84 23.36 -24.14 -5.37
CA GLY B 84 23.49 -22.85 -6.02
C GLY B 84 22.99 -21.70 -5.16
N HIS B 85 22.28 -20.76 -5.78
CA HIS B 85 21.98 -19.49 -5.15
C HIS B 85 20.50 -19.27 -4.78
N GLU B 86 19.71 -20.34 -4.68
CA GLU B 86 18.27 -20.19 -4.41
C GLU B 86 18.01 -19.60 -3.02
N SER B 87 18.96 -19.73 -2.12
CA SER B 87 18.84 -19.13 -0.80
C SER B 87 18.87 -17.61 -0.90
N PHE B 88 19.29 -17.10 -2.06
CA PHE B 88 19.35 -15.66 -2.30
C PHE B 88 18.29 -15.19 -3.30
N SER B 89 17.22 -15.98 -3.47
CA SER B 89 16.26 -15.74 -4.54
C SER B 89 15.49 -14.40 -4.42
N ASN B 90 15.06 -14.06 -3.20
CA ASN B 90 14.31 -12.82 -2.99
C ASN B 90 15.24 -11.62 -2.79
N LEU B 91 14.66 -10.42 -2.81
CA LEU B 91 15.45 -9.20 -2.62
C LEU B 91 16.05 -9.15 -1.22
N ARG B 92 17.18 -8.46 -1.09
CA ARG B 92 17.95 -8.43 0.15
C ARG B 92 17.10 -7.99 1.33
N SER B 93 16.37 -6.89 1.12
CA SER B 93 15.54 -6.29 2.16
C SER B 93 14.49 -7.25 2.70
N ARG B 94 14.20 -8.29 1.95
CA ARG B 94 13.18 -9.26 2.37
C ARG B 94 13.77 -10.64 2.66
N GLY B 95 15.09 -10.73 2.74
CA GLY B 95 15.76 -12.02 2.86
C GLY B 95 15.25 -12.96 3.93
N SER B 96 14.95 -12.39 5.09
CA SER B 96 14.50 -13.16 6.26
C SER B 96 13.17 -13.86 6.02
N SER B 97 12.40 -13.36 5.04
CA SER B 97 11.14 -13.99 4.68
C SER B 97 11.36 -15.32 4.00
N LEU B 98 12.55 -15.52 3.45
CA LEU B 98 12.86 -16.79 2.82
C LEU B 98 13.72 -17.67 3.73
N CYS B 99 14.78 -17.09 4.29
CA CYS B 99 15.66 -17.80 5.21
C CYS B 99 15.95 -16.96 6.44
N ASN B 100 15.59 -17.49 7.61
CA ASN B 100 15.95 -16.85 8.87
C ASN B 100 17.42 -17.09 9.20
N ILE B 101 17.94 -18.23 8.75
CA ILE B 101 19.29 -18.67 9.10
C ILE B 101 19.74 -19.65 8.03
N ALA B 102 21.05 -19.78 7.85
CA ALA B 102 21.57 -20.68 6.85
C ALA B 102 22.61 -21.64 7.41
N ILE B 103 22.80 -22.77 6.74
CA ILE B 103 23.89 -23.69 7.05
C ILE B 103 24.82 -23.72 5.85
N LEU B 104 26.05 -23.25 6.02
CA LEU B 104 27.02 -23.30 4.94
C LEU B 104 27.84 -24.58 5.09
N VAL B 105 27.77 -25.46 4.08
CA VAL B 105 28.43 -26.76 4.16
C VAL B 105 29.81 -26.69 3.51
N VAL B 106 30.83 -27.01 4.30
CA VAL B 106 32.22 -27.02 3.84
C VAL B 106 32.82 -28.42 4.03
N ASP B 107 33.51 -28.92 3.03
CA ASP B 107 34.26 -30.18 3.14
C ASP B 107 35.49 -29.91 3.99
N ILE B 108 35.57 -30.54 5.17
CA ILE B 108 36.67 -30.29 6.09
C ILE B 108 37.99 -30.72 5.48
N MET B 109 37.95 -31.63 4.52
CA MET B 109 39.16 -32.19 3.93
C MET B 109 39.80 -31.23 2.93
N HIS B 110 38.98 -30.40 2.29
CA HIS B 110 39.49 -29.48 1.28
C HIS B 110 39.46 -28.03 1.74
N GLY B 111 38.63 -27.72 2.72
CA GLY B 111 38.53 -26.36 3.22
C GLY B 111 37.71 -25.48 2.30
N LEU B 112 37.98 -24.17 2.36
CA LEU B 112 37.24 -23.19 1.56
C LEU B 112 37.53 -23.24 0.06
N GLU B 113 36.47 -23.07 -0.72
CA GLU B 113 36.54 -23.07 -2.18
C GLU B 113 36.01 -21.73 -2.67
N PRO B 114 36.18 -21.41 -3.98
CA PRO B 114 35.70 -20.12 -4.50
C PRO B 114 34.18 -19.92 -4.36
N GLN B 115 33.40 -20.93 -4.71
CA GLN B 115 31.95 -20.85 -4.58
C GLN B 115 31.57 -20.59 -3.11
N THR B 116 32.30 -21.24 -2.21
CA THR B 116 32.11 -21.03 -0.78
C THR B 116 32.34 -19.56 -0.42
N ILE B 117 33.39 -18.97 -0.98
CA ILE B 117 33.74 -17.58 -0.69
C ILE B 117 32.65 -16.63 -1.21
N GLU B 118 32.17 -16.87 -2.43
N GLU B 118 32.17 -16.87 -2.43
CA GLU B 118 31.06 -16.09 -2.97
CA GLU B 118 31.07 -16.09 -2.98
C GLU B 118 29.84 -16.18 -2.08
C GLU B 118 29.83 -16.18 -2.11
N SER B 119 29.54 -17.40 -1.65
CA SER B 119 28.41 -17.63 -0.76
C SER B 119 28.56 -16.83 0.53
N LEU B 120 29.79 -16.80 1.06
CA LEU B 120 30.08 -16.08 2.30
C LEU B 120 29.81 -14.59 2.12
N ARG B 121 30.35 -14.04 1.03
CA ARG B 121 30.19 -12.64 0.76
C ARG B 121 28.72 -12.28 0.57
N LEU B 122 27.96 -13.15 -0.11
CA LEU B 122 26.53 -12.89 -0.32
C LEU B 122 25.74 -12.94 0.99
N LEU B 123 26.04 -13.94 1.83
CA LEU B 123 25.41 -14.07 3.13
C LEU B 123 25.66 -12.83 3.98
N ARG B 124 26.91 -12.36 3.95
CA ARG B 124 27.30 -11.16 4.66
C ARG B 124 26.59 -9.91 4.12
N GLU B 125 26.55 -9.79 2.80
CA GLU B 125 25.92 -8.64 2.16
C GLU B 125 24.43 -8.57 2.49
N ARG B 126 23.80 -9.73 2.59
CA ARG B 126 22.37 -9.81 2.87
C ARG B 126 22.07 -9.87 4.37
N LYS B 127 23.13 -9.90 5.18
CA LYS B 127 23.01 -9.97 6.64
C LYS B 127 22.23 -11.22 7.09
N THR B 128 22.42 -12.31 6.37
CA THR B 128 21.76 -13.57 6.72
C THR B 128 22.62 -14.35 7.71
N PRO B 129 22.08 -14.56 8.93
CA PRO B 129 22.81 -15.33 9.95
C PRO B 129 23.10 -16.73 9.47
N PHE B 130 24.29 -17.25 9.73
CA PHE B 130 24.61 -18.59 9.28
C PHE B 130 25.57 -19.28 10.22
N VAL B 131 25.55 -20.61 10.19
CA VAL B 131 26.55 -21.41 10.86
C VAL B 131 27.17 -22.31 9.79
N VAL B 132 28.36 -22.81 10.07
CA VAL B 132 29.10 -23.62 9.10
C VAL B 132 29.04 -25.08 9.50
N ALA B 133 28.76 -25.95 8.54
CA ALA B 133 28.89 -27.38 8.78
C ALA B 133 30.22 -27.82 8.20
N LEU B 134 31.17 -28.16 9.06
CA LEU B 134 32.43 -28.73 8.61
C LEU B 134 32.25 -30.21 8.36
N ASN B 135 31.85 -30.55 7.14
CA ASN B 135 31.40 -31.90 6.84
C ASN B 135 32.52 -32.89 6.55
N LYS B 136 32.15 -34.19 6.58
CA LYS B 136 33.03 -35.33 6.27
C LYS B 136 34.16 -35.54 7.28
N ILE B 137 33.88 -35.33 8.56
CA ILE B 137 34.89 -35.57 9.58
C ILE B 137 35.24 -37.06 9.68
N ASP B 138 34.38 -37.92 9.15
CA ASP B 138 34.64 -39.36 9.17
C ASP B 138 35.80 -39.73 8.25
N ARG B 139 36.16 -38.81 7.36
CA ARG B 139 37.31 -38.99 6.47
C ARG B 139 38.63 -38.68 7.16
N LEU B 140 38.58 -38.16 8.37
CA LEU B 140 39.80 -38.02 9.18
C LEU B 140 40.39 -39.42 9.30
N TYR B 141 41.71 -39.54 9.11
CA TYR B 141 42.34 -40.86 9.03
C TYR B 141 42.25 -41.62 10.35
N GLY B 142 41.59 -42.78 10.31
CA GLY B 142 41.41 -43.59 11.50
C GLY B 142 40.22 -43.18 12.34
N TRP B 143 39.32 -42.36 11.80
CA TRP B 143 38.13 -41.93 12.53
C TRP B 143 37.28 -43.11 12.97
N LYS B 144 36.88 -43.11 14.24
CA LYS B 144 36.06 -44.18 14.81
C LYS B 144 34.64 -43.70 14.99
N LYS B 145 33.75 -44.07 14.08
CA LYS B 145 32.42 -43.48 14.07
C LYS B 145 31.54 -44.05 15.19
N ILE B 146 30.70 -43.17 15.73
CA ILE B 146 29.58 -43.58 16.55
C ILE B 146 28.36 -42.89 15.97
N GLU B 147 27.48 -43.64 15.31
CA GLU B 147 26.40 -43.02 14.56
C GLU B 147 25.49 -42.11 15.39
N ASN B 148 25.22 -40.93 14.83
CA ASN B 148 24.26 -39.98 15.39
C ASN B 148 24.64 -39.43 16.76
N ASN B 149 25.93 -39.54 17.09
CA ASN B 149 26.43 -39.03 18.35
C ASN B 149 26.71 -37.52 18.24
N GLY B 150 26.77 -36.83 19.37
CA GLY B 150 27.22 -35.44 19.38
C GLY B 150 28.69 -35.40 19.05
N PHE B 151 29.17 -34.31 18.46
CA PHE B 151 30.56 -34.27 18.02
C PHE B 151 31.57 -34.37 19.15
N ARG B 152 31.34 -33.62 20.22
N ARG B 152 31.36 -33.62 20.22
CA ARG B 152 32.26 -33.61 21.36
CA ARG B 152 32.29 -33.64 21.34
C ARG B 152 32.39 -35.02 21.93
C ARG B 152 32.41 -35.04 21.92
N GLU B 153 31.26 -35.69 22.08
CA GLU B 153 31.19 -37.04 22.63
C GLU B 153 32.00 -38.03 21.79
N SER B 154 31.84 -37.95 20.47
CA SER B 154 32.60 -38.81 19.57
C SER B 154 34.11 -38.45 19.54
N PHE B 155 34.39 -37.16 19.61
CA PHE B 155 35.75 -36.63 19.52
C PHE B 155 36.56 -37.11 20.70
N ALA B 156 35.92 -37.11 21.88
CA ALA B 156 36.58 -37.57 23.09
C ALA B 156 37.04 -39.02 22.96
N LEU B 157 36.38 -39.77 22.09
CA LEU B 157 36.66 -41.21 21.94
C LEU B 157 37.68 -41.55 20.84
N GLN B 158 38.15 -40.53 20.10
CA GLN B 158 39.13 -40.76 19.03
C GLN B 158 40.54 -40.89 19.59
N ASN B 159 41.46 -41.49 18.84
CA ASN B 159 42.87 -41.56 19.24
C ASN B 159 43.54 -40.19 19.06
N LYS B 160 44.77 -40.03 19.54
CA LYS B 160 45.49 -38.77 19.45
C LYS B 160 45.74 -38.28 18.03
N ALA B 161 46.09 -39.20 17.14
CA ALA B 161 46.37 -38.83 15.75
C ALA B 161 45.14 -38.18 15.08
N VAL B 162 43.95 -38.73 15.34
CA VAL B 162 42.72 -38.18 14.77
C VAL B 162 42.42 -36.80 15.33
N GLN B 163 42.56 -36.63 16.64
CA GLN B 163 42.31 -35.35 17.29
C GLN B 163 43.27 -34.29 16.73
N ASN B 164 44.52 -34.69 16.51
CA ASN B 164 45.52 -33.80 15.93
C ASN B 164 45.17 -33.40 14.50
N GLU B 165 44.82 -34.38 13.68
CA GLU B 165 44.44 -34.08 12.29
C GLU B 165 43.25 -33.13 12.27
N PHE B 166 42.27 -33.40 13.13
CA PHE B 166 41.10 -32.52 13.21
C PHE B 166 41.53 -31.11 13.58
N ARG B 167 42.38 -30.99 14.59
CA ARG B 167 42.80 -29.67 15.04
C ARG B 167 43.52 -28.91 13.95
N ASN B 168 44.35 -29.62 13.18
CA ASN B 168 45.06 -29.01 12.05
C ASN B 168 44.10 -28.52 10.96
N ARG B 169 43.18 -29.39 10.54
CA ARG B 169 42.23 -29.01 9.50
C ARG B 169 41.36 -27.84 9.97
N LEU B 170 41.03 -27.86 11.25
CA LEU B 170 40.27 -26.79 11.88
C LEU B 170 41.01 -25.47 11.80
N ASP B 171 42.30 -25.48 12.14
CA ASP B 171 43.11 -24.26 12.11
C ASP B 171 43.20 -23.72 10.68
N GLN B 172 43.37 -24.64 9.72
CA GLN B 172 43.41 -24.24 8.31
C GLN B 172 42.09 -23.56 7.87
N VAL B 173 40.97 -24.18 8.21
CA VAL B 173 39.68 -23.62 7.85
C VAL B 173 39.47 -22.25 8.49
N LYS B 174 39.84 -22.14 9.77
CA LYS B 174 39.71 -20.87 10.48
C LYS B 174 40.57 -19.80 9.83
N LEU B 175 41.74 -20.20 9.33
CA LEU B 175 42.61 -19.27 8.63
C LEU B 175 41.95 -18.77 7.35
N GLN B 176 41.41 -19.71 6.57
CA GLN B 176 40.70 -19.37 5.33
C GLN B 176 39.51 -18.43 5.58
N PHE B 177 38.77 -18.65 6.65
CA PHE B 177 37.68 -17.74 6.99
C PHE B 177 38.21 -16.37 7.41
N ALA B 178 39.31 -16.38 8.16
CA ALA B 178 39.92 -15.16 8.65
C ALA B 178 40.34 -14.26 7.52
N GLU B 179 40.86 -14.87 6.45
CA GLU B 179 41.22 -14.10 5.26
C GLU B 179 40.01 -13.41 4.64
N GLN B 180 38.86 -14.07 4.67
CA GLN B 180 37.64 -13.53 4.08
C GLN B 180 36.94 -12.52 4.99
N GLY B 181 37.54 -12.25 6.14
CA GLY B 181 36.99 -11.25 7.04
C GLY B 181 36.05 -11.83 8.08
N PHE B 182 36.05 -13.16 8.18
CA PHE B 182 35.22 -13.83 9.17
C PHE B 182 36.06 -14.43 10.29
N ASN B 183 35.80 -14.00 11.52
CA ASN B 183 36.39 -14.66 12.67
C ASN B 183 35.49 -15.82 12.99
N SER B 184 36.08 -17.02 13.10
CA SER B 184 35.30 -18.23 13.29
C SER B 184 35.78 -18.97 14.53
N GLU B 185 34.85 -19.67 15.20
CA GLU B 185 35.21 -20.50 16.32
C GLU B 185 34.42 -21.81 16.27
N LEU B 186 35.05 -22.87 16.77
CA LEU B 186 34.35 -24.13 17.00
C LEU B 186 33.17 -23.77 17.91
N PHE B 187 32.00 -24.36 17.69
CA PHE B 187 30.76 -23.80 18.25
C PHE B 187 30.74 -23.73 19.79
N TYR B 188 31.27 -24.76 20.45
CA TYR B 188 31.27 -24.75 21.92
C TYR B 188 32.40 -23.89 22.47
N GLU B 189 33.37 -23.58 21.63
CA GLU B 189 34.45 -22.64 21.96
C GLU B 189 34.04 -21.19 21.70
N ASN B 190 32.97 -20.99 20.93
CA ASN B 190 32.53 -19.65 20.55
C ASN B 190 32.04 -18.83 21.75
N LYS B 191 32.53 -17.59 21.84
CA LYS B 191 32.22 -16.70 22.95
C LYS B 191 31.21 -15.62 22.57
N ASN B 192 31.30 -15.09 21.36
CA ASN B 192 30.33 -14.10 20.91
C ASN B 192 29.80 -14.45 19.52
N PHE B 193 28.52 -14.81 19.45
CA PHE B 193 27.89 -15.21 18.21
C PHE B 193 27.81 -14.07 17.19
N ALA B 194 27.70 -12.83 17.67
CA ALA B 194 27.67 -11.68 16.77
C ALA B 194 29.02 -11.47 16.08
N ARG B 195 30.10 -11.67 16.82
CA ARG B 195 31.45 -11.50 16.30
C ARG B 195 32.01 -12.72 15.58
N TYR B 196 31.65 -13.91 16.05
CA TYR B 196 32.30 -15.10 15.52
C TYR B 196 31.25 -16.00 14.86
N VAL B 197 31.63 -16.60 13.74
CA VAL B 197 30.79 -17.62 13.10
C VAL B 197 31.08 -18.96 13.76
N SER B 198 30.01 -19.68 14.08
CA SER B 198 30.14 -20.95 14.77
C SER B 198 30.44 -22.05 13.75
N LEU B 199 31.45 -22.86 14.03
CA LEU B 199 31.80 -23.99 13.18
C LEU B 199 31.34 -25.29 13.84
N VAL B 200 30.54 -26.07 13.12
CA VAL B 200 29.98 -27.31 13.64
C VAL B 200 30.47 -28.50 12.85
N PRO B 201 31.37 -29.30 13.44
CA PRO B 201 31.83 -30.48 12.71
C PRO B 201 30.70 -31.49 12.55
N THR B 202 30.58 -32.07 11.37
CA THR B 202 29.50 -33.02 11.08
C THR B 202 29.99 -34.15 10.19
N SER B 203 29.22 -35.23 10.16
CA SER B 203 29.35 -36.26 9.14
C SER B 203 27.97 -36.61 8.60
N ALA B 204 27.72 -36.29 7.33
CA ALA B 204 26.47 -36.69 6.71
C ALA B 204 26.41 -38.21 6.58
N HIS B 205 27.59 -38.84 6.53
CA HIS B 205 27.68 -40.29 6.44
C HIS B 205 27.23 -40.96 7.75
N THR B 206 27.76 -40.48 8.88
CA THR B 206 27.54 -41.17 10.17
C THR B 206 26.49 -40.51 11.05
N GLY B 207 26.12 -39.27 10.73
CA GLY B 207 25.14 -38.53 11.52
C GLY B 207 25.76 -37.77 12.69
N GLU B 208 27.06 -37.95 12.88
CA GLU B 208 27.76 -37.28 13.96
C GLU B 208 27.78 -35.76 13.76
N GLY B 209 27.59 -35.02 14.86
CA GLY B 209 27.59 -33.57 14.78
C GLY B 209 26.22 -32.96 14.50
N ILE B 210 25.36 -33.74 13.84
CA ILE B 210 24.02 -33.27 13.52
C ILE B 210 23.18 -32.86 14.74
N PRO B 211 23.25 -33.62 15.86
CA PRO B 211 22.51 -33.13 17.03
C PRO B 211 22.94 -31.72 17.44
N ASP B 212 24.26 -31.51 17.46
CA ASP B 212 24.83 -30.21 17.79
C ASP B 212 24.34 -29.13 16.86
N MET B 213 24.29 -29.45 15.56
N MET B 213 24.27 -29.47 15.57
CA MET B 213 23.86 -28.48 14.55
CA MET B 213 23.85 -28.53 14.53
C MET B 213 22.40 -28.09 14.72
C MET B 213 22.40 -28.10 14.70
N LEU B 214 21.51 -29.08 14.82
CA LEU B 214 20.09 -28.80 14.98
C LEU B 214 19.83 -27.98 16.25
N LYS B 215 20.46 -28.41 17.34
CA LYS B 215 20.30 -27.69 18.59
C LYS B 215 20.82 -26.24 18.47
N LEU B 216 21.96 -26.06 17.81
CA LEU B 216 22.53 -24.72 17.67
C LEU B 216 21.63 -23.82 16.83
N ILE B 217 21.14 -24.33 15.70
CA ILE B 217 20.21 -23.57 14.86
C ILE B 217 18.96 -23.12 15.63
N VAL B 218 18.34 -24.08 16.32
CA VAL B 218 17.16 -23.74 17.10
C VAL B 218 17.51 -22.66 18.14
N GLN B 219 18.66 -22.84 18.79
CA GLN B 219 19.11 -21.94 19.84
C GLN B 219 19.30 -20.51 19.33
N LEU B 220 19.98 -20.37 18.20
CA LEU B 220 20.27 -19.06 17.62
C LEU B 220 18.97 -18.41 17.15
N CYS B 221 18.10 -19.20 16.53
CA CYS B 221 16.83 -18.64 16.07
C CYS B 221 16.00 -18.11 17.23
N GLN B 222 15.94 -18.89 18.31
CA GLN B 222 15.14 -18.50 19.48
C GLN B 222 15.72 -17.30 20.22
N GLU B 223 17.03 -17.35 20.48
CA GLU B 223 17.67 -16.33 21.31
C GLU B 223 17.91 -15.02 20.57
N ARG B 224 18.29 -15.11 19.30
N ARG B 224 18.24 -15.10 19.28
CA ARG B 224 18.68 -13.92 18.53
CA ARG B 224 18.66 -13.92 18.53
C ARG B 224 17.59 -13.41 17.57
C ARG B 224 17.66 -13.44 17.50
N MET B 225 16.71 -14.29 17.12
CA MET B 225 15.72 -13.92 16.10
C MET B 225 14.29 -14.03 16.60
N ALA B 226 14.10 -13.85 17.90
CA ALA B 226 12.78 -14.00 18.52
C ALA B 226 11.78 -13.03 17.90
N SER B 227 12.15 -11.76 17.81
CA SER B 227 11.30 -10.72 17.24
C SER B 227 10.77 -11.08 15.84
N SER B 228 11.65 -11.56 14.96
CA SER B 228 11.26 -11.90 13.60
C SER B 228 10.42 -13.17 13.51
N LEU B 229 10.29 -13.89 14.62
CA LEU B 229 9.49 -15.13 14.65
C LEU B 229 8.19 -14.95 15.43
N MET B 230 7.99 -13.75 15.97
CA MET B 230 6.76 -13.45 16.70
C MET B 230 5.58 -13.40 15.74
N TYR B 231 4.38 -13.24 16.28
CA TYR B 231 3.19 -13.15 15.43
C TYR B 231 3.27 -11.98 14.45
N LEU B 232 2.91 -12.23 13.20
CA LEU B 232 2.82 -11.18 12.18
C LEU B 232 1.57 -11.38 11.32
N SER B 233 0.81 -10.31 11.15
CA SER B 233 -0.46 -10.36 10.42
C SER B 233 -0.28 -10.46 8.91
N GLU B 234 0.88 -10.02 8.43
CA GLU B 234 1.15 -9.99 7.00
C GLU B 234 1.52 -11.36 6.45
N LEU B 235 1.05 -11.63 5.24
CA LEU B 235 1.39 -12.88 4.57
C LEU B 235 2.79 -12.77 4.00
N GLN B 236 3.62 -13.77 4.26
CA GLN B 236 4.94 -13.80 3.67
C GLN B 236 5.16 -15.12 2.94
N ALA B 237 5.28 -15.00 1.61
CA ALA B 237 5.45 -16.14 0.73
C ALA B 237 6.28 -15.75 -0.47
N THR B 238 7.18 -16.63 -0.88
CA THR B 238 8.16 -16.30 -1.90
C THR B 238 8.16 -17.35 -3.00
N VAL B 239 8.21 -16.92 -4.25
CA VAL B 239 8.30 -17.84 -5.38
C VAL B 239 9.73 -18.36 -5.51
N LEU B 240 9.93 -19.64 -5.24
CA LEU B 240 11.27 -20.22 -5.34
C LEU B 240 11.55 -20.81 -6.72
N GLU B 241 10.59 -21.51 -7.31
CA GLU B 241 10.82 -22.06 -8.65
C GLU B 241 9.60 -21.95 -9.55
N VAL B 242 9.82 -21.95 -10.86
CA VAL B 242 8.73 -21.92 -11.81
C VAL B 242 8.90 -23.14 -12.71
N LYS B 243 7.99 -24.10 -12.59
CA LYS B 243 8.14 -25.37 -13.31
C LYS B 243 6.85 -25.85 -13.96
N ALA B 244 6.94 -26.29 -15.20
CA ALA B 244 5.77 -26.78 -15.90
C ALA B 244 5.62 -28.26 -15.61
N ILE B 245 4.47 -28.64 -15.05
CA ILE B 245 4.18 -30.02 -14.70
C ILE B 245 3.01 -30.51 -15.54
N GLU B 246 3.20 -31.66 -16.21
CA GLU B 246 2.19 -32.19 -17.11
C GLU B 246 0.85 -32.41 -16.42
N GLY B 247 -0.19 -31.75 -16.94
CA GLY B 247 -1.52 -31.83 -16.34
C GLY B 247 -1.84 -30.61 -15.50
N PHE B 248 -0.87 -29.71 -15.37
CA PHE B 248 -1.03 -28.52 -14.54
C PHE B 248 -0.54 -27.24 -15.23
N GLY B 249 0.13 -27.41 -16.36
CA GLY B 249 0.73 -26.27 -17.03
C GLY B 249 1.83 -25.67 -16.18
N VAL B 250 2.13 -24.40 -16.37
CA VAL B 250 3.17 -23.74 -15.58
C VAL B 250 2.71 -23.57 -14.13
N THR B 251 3.51 -24.11 -13.21
CA THR B 251 3.21 -24.03 -11.79
C THR B 251 4.31 -23.25 -11.10
N ILE B 252 4.05 -22.82 -9.87
CA ILE B 252 5.10 -22.16 -9.08
C ILE B 252 5.32 -22.89 -7.76
N ASP B 253 6.57 -23.15 -7.41
CA ASP B 253 6.91 -23.70 -6.11
C ASP B 253 7.25 -22.54 -5.19
N VAL B 254 6.51 -22.48 -4.09
CA VAL B 254 6.46 -21.31 -3.20
C VAL B 254 6.89 -21.70 -1.78
N ILE B 255 7.62 -20.82 -1.11
CA ILE B 255 7.92 -21.00 0.30
C ILE B 255 7.01 -20.10 1.12
N LEU B 256 6.12 -20.70 1.91
CA LEU B 256 5.19 -19.96 2.76
C LEU B 256 5.80 -19.79 4.14
N SER B 257 6.33 -18.60 4.38
CA SER B 257 7.04 -18.29 5.63
C SER B 257 6.10 -17.86 6.74
N ASN B 258 5.04 -17.16 6.37
CA ASN B 258 4.06 -16.72 7.36
C ASN B 258 2.66 -16.60 6.78
N GLY B 259 1.67 -17.02 7.57
CA GLY B 259 0.28 -16.91 7.16
C GLY B 259 -0.30 -18.16 6.52
N ILE B 260 -1.47 -17.98 5.91
CA ILE B 260 -2.24 -19.06 5.33
C ILE B 260 -2.51 -18.82 3.86
N LEU B 261 -2.38 -19.87 3.04
CA LEU B 261 -2.81 -19.76 1.65
C LEU B 261 -4.06 -20.61 1.49
N ARG B 262 -5.03 -20.14 0.70
CA ARG B 262 -6.29 -20.87 0.49
C ARG B 262 -6.61 -21.05 -0.98
N GLU B 263 -7.25 -22.17 -1.29
CA GLU B 263 -7.72 -22.45 -2.63
C GLU B 263 -8.65 -21.34 -3.12
N GLY B 264 -8.39 -20.82 -4.31
CA GLY B 264 -9.21 -19.75 -4.85
C GLY B 264 -8.74 -18.35 -4.50
N ASP B 265 -7.68 -18.24 -3.71
CA ASP B 265 -7.12 -16.95 -3.33
C ASP B 265 -6.69 -16.16 -4.56
N ARG B 266 -7.00 -14.86 -4.58
CA ARG B 266 -6.48 -14.01 -5.64
C ARG B 266 -5.05 -13.58 -5.32
N ILE B 267 -4.13 -13.96 -6.21
CA ILE B 267 -2.72 -13.73 -5.97
C ILE B 267 -2.11 -12.86 -7.08
N VAL B 268 -1.19 -11.99 -6.66
CA VAL B 268 -0.38 -11.25 -7.61
C VAL B 268 1.08 -11.58 -7.35
N LEU B 269 1.84 -11.66 -8.43
CA LEU B 269 3.26 -11.90 -8.32
C LEU B 269 3.98 -11.20 -9.46
N CYS B 270 5.29 -11.15 -9.37
N CYS B 270 5.29 -11.12 -9.36
CA CYS B 270 6.09 -10.48 -10.39
CA CYS B 270 6.08 -10.44 -10.40
C CYS B 270 6.21 -11.37 -11.63
C CYS B 270 6.23 -11.35 -11.61
N GLY B 271 6.02 -10.77 -12.80
CA GLY B 271 6.10 -11.51 -14.04
C GLY B 271 7.08 -10.83 -15.00
N LEU B 272 7.57 -11.59 -15.97
CA LEU B 272 8.58 -11.09 -16.89
C LEU B 272 8.15 -9.84 -17.66
N GLU B 273 6.92 -9.83 -18.13
CA GLU B 273 6.43 -8.71 -18.95
C GLU B 273 5.46 -7.81 -18.20
N GLY B 274 5.38 -8.00 -16.88
CA GLY B 274 4.51 -7.20 -16.06
C GLY B 274 3.90 -8.04 -14.97
N PRO B 275 3.12 -7.43 -14.08
CA PRO B 275 2.49 -8.16 -12.97
C PRO B 275 1.63 -9.32 -13.43
N ILE B 276 1.58 -10.37 -12.64
CA ILE B 276 0.70 -11.51 -12.91
C ILE B 276 -0.39 -11.50 -11.85
N LYS B 277 -1.63 -11.55 -12.30
CA LYS B 277 -2.77 -11.64 -11.40
C LYS B 277 -3.56 -12.89 -11.76
N THR B 278 -3.85 -13.72 -10.77
CA THR B 278 -4.61 -14.94 -11.04
C THR B 278 -5.25 -15.46 -9.76
N ASN B 279 -5.82 -16.65 -9.83
CA ASN B 279 -6.43 -17.27 -8.66
C ASN B 279 -5.87 -18.67 -8.42
N ILE B 280 -5.60 -18.99 -7.16
CA ILE B 280 -5.07 -20.32 -6.83
C ILE B 280 -6.11 -21.37 -7.18
N ARG B 281 -5.80 -22.19 -8.18
CA ARG B 281 -6.68 -23.31 -8.52
C ARG B 281 -6.47 -24.48 -7.56
N ALA B 282 -5.20 -24.82 -7.31
CA ALA B 282 -4.88 -25.95 -6.43
C ALA B 282 -3.59 -25.75 -5.64
N LEU B 283 -3.60 -26.24 -4.41
CA LEU B 283 -2.42 -26.29 -3.57
C LEU B 283 -1.95 -27.75 -3.44
N LEU B 284 -0.74 -28.01 -3.92
CA LEU B 284 -0.24 -29.37 -4.11
C LEU B 284 0.99 -29.67 -3.24
N THR B 285 0.96 -30.83 -2.58
CA THR B 285 2.12 -31.33 -1.84
C THR B 285 2.46 -32.72 -2.37
N PRO B 286 3.69 -33.21 -2.13
CA PRO B 286 4.05 -34.50 -2.72
C PRO B 286 3.26 -35.69 -2.20
N ALA B 287 2.94 -36.64 -3.08
CA ALA B 287 2.30 -37.88 -2.64
C ALA B 287 3.32 -38.78 -1.98
N PRO B 288 2.93 -39.48 -0.90
CA PRO B 288 3.87 -40.38 -0.23
C PRO B 288 3.91 -41.77 -0.87
N GLY B 296 4.42 -39.19 -9.99
CA GLY B 296 4.35 -37.75 -9.94
C GLY B 296 2.98 -37.24 -9.52
N GLN B 297 2.40 -37.86 -8.50
CA GLN B 297 1.08 -37.47 -8.02
C GLN B 297 1.19 -36.48 -6.86
N TYR B 298 0.13 -35.73 -6.63
CA TYR B 298 0.11 -34.73 -5.58
C TYR B 298 -1.10 -34.90 -4.66
N ILE B 299 -1.02 -34.33 -3.46
CA ILE B 299 -2.18 -34.24 -2.58
C ILE B 299 -2.65 -32.80 -2.62
N HIS B 300 -3.96 -32.63 -2.78
CA HIS B 300 -4.59 -31.32 -2.85
C HIS B 300 -4.94 -30.81 -1.45
N HIS B 301 -4.89 -29.50 -1.27
CA HIS B 301 -5.25 -28.90 0.01
C HIS B 301 -6.19 -27.70 -0.20
N LYS B 302 -7.24 -27.62 0.59
CA LYS B 302 -8.10 -26.45 0.61
C LYS B 302 -7.32 -25.25 1.14
N GLU B 303 -6.43 -25.50 2.11
CA GLU B 303 -5.56 -24.45 2.61
C GLU B 303 -4.25 -25.02 3.16
N VAL B 304 -3.21 -24.19 3.22
CA VAL B 304 -1.94 -24.56 3.83
C VAL B 304 -1.44 -23.47 4.77
N LYS B 305 -0.68 -23.91 5.79
CA LYS B 305 -0.21 -23.03 6.85
C LYS B 305 1.30 -22.94 6.82
N ALA B 306 1.84 -21.80 7.24
CA ALA B 306 3.28 -21.66 7.43
C ALA B 306 3.69 -22.55 8.60
N ALA B 307 4.88 -23.14 8.56
CA ALA B 307 5.83 -22.95 7.46
C ALA B 307 5.71 -24.09 6.46
N GLN B 308 5.64 -23.77 5.18
CA GLN B 308 5.32 -24.79 4.19
C GLN B 308 5.94 -24.50 2.83
N GLY B 309 6.44 -25.54 2.17
CA GLY B 309 6.81 -25.45 0.77
C GLY B 309 5.68 -26.09 -0.03
N VAL B 310 5.05 -25.32 -0.91
CA VAL B 310 3.85 -25.82 -1.57
C VAL B 310 3.88 -25.49 -3.07
N LYS B 311 3.22 -26.33 -3.88
CA LYS B 311 3.10 -26.05 -5.30
C LYS B 311 1.77 -25.38 -5.60
N ILE B 312 1.81 -24.28 -6.33
CA ILE B 312 0.58 -23.62 -6.74
C ILE B 312 0.36 -23.83 -8.23
N SER B 313 -0.82 -24.37 -8.53
CA SER B 313 -1.32 -24.47 -9.89
C SER B 313 -2.34 -23.36 -10.06
N ALA B 314 -2.21 -22.61 -11.15
CA ALA B 314 -3.08 -21.48 -11.44
C ALA B 314 -2.94 -21.12 -12.90
N PRO B 315 -4.05 -20.65 -13.52
CA PRO B 315 -3.93 -20.26 -14.93
C PRO B 315 -3.06 -19.03 -15.07
N GLY B 316 -2.37 -18.92 -16.20
CA GLY B 316 -1.56 -17.75 -16.51
C GLY B 316 -0.37 -17.50 -15.61
N LEU B 317 0.34 -18.55 -15.21
CA LEU B 317 1.56 -18.36 -14.43
C LEU B 317 2.78 -18.28 -15.34
N GLU B 318 2.56 -18.36 -16.65
CA GLU B 318 3.65 -18.23 -17.61
C GLU B 318 4.38 -16.91 -17.40
N GLY B 319 5.70 -16.99 -17.32
CA GLY B 319 6.51 -15.79 -17.15
C GLY B 319 6.74 -15.35 -15.71
N ALA B 320 6.36 -16.19 -14.75
CA ALA B 320 6.57 -15.88 -13.34
C ALA B 320 8.06 -15.74 -13.01
N ILE B 321 8.39 -14.82 -12.10
CA ILE B 321 9.79 -14.52 -11.79
C ILE B 321 10.27 -15.16 -10.50
N ALA B 322 11.33 -15.96 -10.57
CA ALA B 322 11.87 -16.61 -9.38
C ALA B 322 12.39 -15.58 -8.38
N GLY B 323 12.01 -15.75 -7.12
CA GLY B 323 12.40 -14.82 -6.08
C GLY B 323 11.32 -13.79 -5.80
N SER B 324 10.25 -13.84 -6.59
CA SER B 324 9.19 -12.85 -6.44
C SER B 324 8.39 -13.07 -5.17
N ARG B 325 7.91 -11.97 -4.60
CA ARG B 325 6.95 -12.03 -3.51
C ARG B 325 5.60 -12.50 -4.07
N LEU B 326 4.80 -13.10 -3.21
CA LEU B 326 3.45 -13.51 -3.59
C LEU B 326 2.48 -12.80 -2.68
N LEU B 327 1.59 -12.00 -3.26
CA LEU B 327 0.64 -11.25 -2.43
C LEU B 327 -0.78 -11.74 -2.64
N VAL B 328 -1.57 -11.77 -1.57
CA VAL B 328 -2.98 -12.15 -1.67
C VAL B 328 -3.86 -10.91 -1.62
N VAL B 329 -4.73 -10.77 -2.62
CA VAL B 329 -5.60 -9.61 -2.73
C VAL B 329 -6.89 -9.81 -1.94
N GLY B 330 -7.03 -9.08 -0.83
CA GLY B 330 -8.24 -9.15 -0.03
C GLY B 330 -9.31 -8.27 -0.67
N PRO B 331 -10.54 -8.33 -0.14
CA PRO B 331 -11.68 -7.62 -0.72
C PRO B 331 -11.51 -6.09 -0.82
N ASP B 332 -10.97 -5.47 0.23
CA ASP B 332 -10.69 -4.04 0.24
C ASP B 332 -9.40 -3.66 -0.48
N ASP B 333 -8.47 -4.61 -0.62
CA ASP B 333 -7.16 -4.31 -1.20
C ASP B 333 -7.28 -3.78 -2.62
N ASP B 334 -6.33 -2.94 -3.01
CA ASP B 334 -6.33 -2.40 -4.36
C ASP B 334 -5.39 -3.25 -5.20
N GLU B 335 -5.97 -4.06 -6.07
CA GLU B 335 -5.23 -5.04 -6.87
C GLU B 335 -4.18 -4.35 -7.73
N GLU B 336 -4.52 -3.18 -8.26
CA GLU B 336 -3.59 -2.42 -9.09
C GLU B 336 -2.36 -2.01 -8.29
N GLU B 337 -2.58 -1.51 -7.09
CA GLU B 337 -1.50 -1.07 -6.22
C GLU B 337 -0.61 -2.25 -5.82
N LEU B 338 -1.22 -3.41 -5.59
CA LEU B 338 -0.48 -4.61 -5.21
C LEU B 338 0.37 -5.11 -6.38
N GLU B 339 -0.20 -5.04 -7.58
CA GLU B 339 0.52 -5.34 -8.82
C GLU B 339 1.74 -4.43 -8.90
N GLU B 340 1.52 -3.15 -8.63
CA GLU B 340 2.60 -2.17 -8.64
C GLU B 340 3.68 -2.54 -7.63
N GLU B 341 3.26 -2.96 -6.44
CA GLU B 341 4.19 -3.32 -5.39
C GLU B 341 5.04 -4.55 -5.73
N VAL B 342 4.41 -5.59 -6.27
CA VAL B 342 5.18 -6.80 -6.59
C VAL B 342 6.10 -6.56 -7.78
N GLU B 343 5.63 -5.79 -8.76
CA GLU B 343 6.46 -5.52 -9.93
C GLU B 343 7.57 -4.51 -9.64
N SER B 344 7.40 -3.71 -8.59
CA SER B 344 8.34 -2.64 -8.28
C SER B 344 9.71 -3.22 -7.96
N ASP B 345 9.71 -4.46 -7.46
CA ASP B 345 10.93 -5.18 -7.15
C ASP B 345 11.77 -5.35 -8.40
N LEU B 346 11.15 -5.85 -9.46
CA LEU B 346 11.82 -6.03 -10.74
C LEU B 346 12.13 -4.73 -11.46
N GLN B 347 11.18 -3.81 -11.45
CA GLN B 347 11.33 -2.54 -12.15
C GLN B 347 12.46 -1.72 -11.55
N SER B 348 12.61 -1.79 -10.23
CA SER B 348 13.68 -1.09 -9.54
C SER B 348 15.05 -1.61 -10.00
N LEU B 349 15.11 -2.87 -10.39
CA LEU B 349 16.32 -3.44 -10.95
C LEU B 349 16.49 -3.02 -12.41
N PHE B 350 15.40 -3.07 -13.17
CA PHE B 350 15.44 -2.71 -14.59
C PHE B 350 15.86 -1.25 -14.80
N SER B 351 15.56 -0.40 -13.82
CA SER B 351 15.85 1.03 -13.95
C SER B 351 17.32 1.36 -13.68
N ARG B 352 18.06 0.40 -13.12
CA ARG B 352 19.46 0.63 -12.77
C ARG B 352 20.38 0.51 -13.97
N VAL B 353 20.29 1.47 -14.89
CA VAL B 353 21.13 1.49 -16.08
C VAL B 353 21.75 2.88 -16.24
N GLU B 354 22.78 2.98 -17.07
CA GLU B 354 23.42 4.27 -17.31
C GLU B 354 22.50 5.21 -18.09
N LYS B 355 22.46 6.47 -17.65
CA LYS B 355 21.68 7.50 -18.34
C LYS B 355 22.20 7.67 -19.76
N THR B 356 23.51 7.55 -19.92
CA THR B 356 24.17 7.66 -21.21
C THR B 356 23.63 6.63 -22.19
N GLY B 357 23.26 5.46 -21.66
CA GLY B 357 22.75 4.39 -22.50
C GLY B 357 23.90 3.59 -23.07
N LYS B 358 25.11 3.89 -22.61
CA LYS B 358 26.32 3.22 -23.09
C LYS B 358 26.81 2.24 -22.02
N GLY B 359 26.70 0.95 -22.29
CA GLY B 359 27.09 -0.06 -21.32
C GLY B 359 26.79 -1.49 -21.74
N VAL B 360 27.11 -2.43 -20.86
CA VAL B 360 26.90 -3.85 -21.13
C VAL B 360 25.48 -4.28 -20.81
N SER B 361 25.12 -5.48 -21.24
CA SER B 361 23.86 -6.08 -20.85
C SER B 361 24.12 -7.08 -19.74
N VAL B 362 23.24 -7.15 -18.74
CA VAL B 362 23.40 -8.14 -17.67
C VAL B 362 22.14 -8.97 -17.52
N GLN B 363 22.31 -10.22 -17.09
CA GLN B 363 21.15 -11.09 -16.88
C GLN B 363 21.37 -12.07 -15.72
N ALA B 364 20.29 -12.35 -14.98
CA ALA B 364 20.35 -13.31 -13.88
C ALA B 364 19.00 -14.02 -13.70
N SER B 365 18.98 -15.10 -12.93
CA SER B 365 17.82 -15.99 -12.81
C SER B 365 16.76 -15.51 -11.83
N THR B 366 17.21 -14.81 -10.79
CA THR B 366 16.31 -14.41 -9.72
C THR B 366 16.48 -12.94 -9.39
N LEU B 367 15.51 -12.38 -8.67
CA LEU B 367 15.58 -10.98 -8.27
C LEU B 367 16.82 -10.73 -7.40
N GLY B 368 17.08 -11.63 -6.45
CA GLY B 368 18.22 -11.49 -5.56
C GLY B 368 19.58 -11.58 -6.25
N SER B 369 19.70 -12.54 -7.16
CA SER B 369 20.94 -12.70 -7.93
C SER B 369 21.17 -11.50 -8.85
N LEU B 370 20.10 -11.04 -9.49
CA LEU B 370 20.21 -9.90 -10.40
C LEU B 370 20.67 -8.69 -9.58
N GLU B 371 20.05 -8.50 -8.42
CA GLU B 371 20.42 -7.39 -7.52
C GLU B 371 21.90 -7.48 -7.12
N ALA B 372 22.32 -8.68 -6.76
CA ALA B 372 23.72 -8.89 -6.36
C ALA B 372 24.67 -8.53 -7.50
N LEU B 373 24.31 -8.92 -8.72
CA LEU B 373 25.12 -8.63 -9.92
C LEU B 373 25.21 -7.14 -10.21
N LEU B 374 24.07 -6.44 -10.13
CA LEU B 374 24.07 -5.00 -10.37
C LEU B 374 24.92 -4.29 -9.32
N ASP B 375 24.80 -4.75 -8.07
CA ASP B 375 25.57 -4.18 -6.97
C ASP B 375 27.07 -4.35 -7.22
N PHE B 376 27.45 -5.56 -7.61
CA PHE B 376 28.85 -5.89 -7.86
C PHE B 376 29.41 -5.03 -9.00
N LEU B 377 28.70 -4.99 -10.11
CA LEU B 377 29.17 -4.24 -11.27
C LEU B 377 29.25 -2.76 -10.97
N LYS B 378 28.30 -2.25 -10.19
CA LYS B 378 28.32 -0.86 -9.77
C LYS B 378 29.55 -0.57 -8.91
N ASP B 379 29.89 -1.52 -8.04
CA ASP B 379 31.12 -1.40 -7.26
C ASP B 379 32.34 -1.37 -8.16
N CYS B 380 32.31 -2.19 -9.21
CA CYS B 380 33.42 -2.28 -10.17
C CYS B 380 33.42 -1.13 -11.16
N LYS B 381 32.40 -0.27 -11.07
CA LYS B 381 32.27 0.91 -11.93
C LYS B 381 32.06 0.53 -13.40
N ILE B 382 31.77 -0.75 -13.66
CA ILE B 382 31.36 -1.21 -14.99
C ILE B 382 29.97 -0.71 -15.31
N PRO B 383 29.83 0.00 -16.45
CA PRO B 383 28.54 0.61 -16.81
C PRO B 383 27.55 -0.41 -17.39
N VAL B 384 26.30 -0.32 -16.97
CA VAL B 384 25.26 -1.22 -17.45
C VAL B 384 24.21 -0.45 -18.23
N ALA B 385 23.92 -0.89 -19.45
CA ALA B 385 22.92 -0.23 -20.30
C ALA B 385 21.64 -1.04 -20.42
N ASN B 386 21.74 -2.36 -20.27
CA ASN B 386 20.57 -3.23 -20.40
C ASN B 386 20.50 -4.30 -19.30
N VAL B 387 19.31 -4.49 -18.75
CA VAL B 387 19.10 -5.46 -17.69
C VAL B 387 18.02 -6.46 -18.10
N GLY B 388 18.29 -7.76 -17.90
CA GLY B 388 17.32 -8.80 -18.20
C GLY B 388 17.24 -9.85 -17.10
N ILE B 389 16.14 -10.59 -17.06
CA ILE B 389 15.98 -11.61 -16.03
C ILE B 389 15.48 -12.92 -16.63
N GLY B 390 15.83 -14.04 -15.98
CA GLY B 390 15.47 -15.34 -16.50
C GLY B 390 16.47 -15.76 -17.55
N PRO B 391 16.26 -16.93 -18.17
CA PRO B 391 17.18 -17.42 -19.22
C PRO B 391 17.32 -16.42 -20.38
N VAL B 392 18.51 -16.40 -20.99
CA VAL B 392 18.83 -15.44 -22.05
C VAL B 392 18.23 -15.86 -23.40
N TYR B 393 17.40 -15.00 -23.97
CA TYR B 393 16.77 -15.26 -25.27
C TYR B 393 17.24 -14.28 -26.33
N LYS B 394 16.78 -14.50 -27.56
CA LYS B 394 17.18 -13.73 -28.74
C LYS B 394 17.08 -12.24 -28.58
N ARG B 395 15.98 -11.80 -27.97
N ARG B 395 15.97 -11.79 -27.99
CA ARG B 395 15.67 -10.39 -27.80
CA ARG B 395 15.71 -10.36 -27.86
C ARG B 395 16.69 -9.69 -26.92
C ARG B 395 16.68 -9.67 -26.91
N ASP B 396 17.12 -10.39 -25.88
CA ASP B 396 18.11 -9.86 -24.95
C ASP B 396 19.41 -9.62 -25.72
N VAL B 397 19.77 -10.61 -26.55
CA VAL B 397 20.98 -10.53 -27.37
C VAL B 397 20.88 -9.42 -28.42
N MET B 398 19.68 -9.17 -28.95
CA MET B 398 19.47 -8.09 -29.92
C MET B 398 19.66 -6.73 -29.26
N GLN B 399 19.02 -6.60 -28.10
CA GLN B 399 19.15 -5.39 -27.29
C GLN B 399 20.62 -5.13 -27.00
N CYS B 400 21.36 -6.19 -26.70
CA CYS B 400 22.81 -6.02 -26.52
C CYS B 400 23.47 -5.62 -27.85
N GLY B 401 22.94 -6.16 -28.95
CA GLY B 401 23.48 -5.95 -30.27
C GLY B 401 23.40 -4.51 -30.76
N ILE B 402 22.44 -3.76 -30.24
CA ILE B 402 22.36 -2.33 -30.57
C ILE B 402 23.66 -1.60 -30.12
N MET B 403 24.28 -2.11 -29.06
CA MET B 403 25.54 -1.55 -28.58
C MET B 403 26.63 -1.62 -29.65
N LEU B 404 26.55 -2.59 -30.55
CA LEU B 404 27.53 -2.72 -31.63
C LEU B 404 27.61 -1.45 -32.46
N GLU B 405 26.45 -0.88 -32.78
CA GLU B 405 26.40 0.43 -33.41
C GLU B 405 26.76 1.52 -32.40
N LYS B 406 26.24 1.40 -31.17
CA LYS B 406 26.45 2.48 -30.21
C LYS B 406 27.85 2.50 -29.58
N ALA B 407 28.24 1.41 -28.94
CA ALA B 407 29.56 1.32 -28.31
C ALA B 407 30.03 -0.12 -28.35
N PRO B 408 30.79 -0.47 -29.41
CA PRO B 408 31.13 -1.86 -29.74
C PRO B 408 31.79 -2.60 -28.60
N ASP B 409 32.61 -1.89 -27.82
CA ASP B 409 33.34 -2.51 -26.71
C ASP B 409 32.40 -3.07 -25.64
N TYR B 410 31.27 -2.40 -25.42
CA TYR B 410 30.34 -2.80 -24.36
C TYR B 410 29.22 -3.72 -24.86
N ALA B 411 29.36 -4.19 -26.09
CA ALA B 411 28.36 -5.08 -26.68
C ALA B 411 28.58 -6.51 -26.21
N VAL B 412 28.53 -6.71 -24.89
CA VAL B 412 28.72 -8.03 -24.32
C VAL B 412 27.65 -8.29 -23.26
N MET B 413 27.39 -9.56 -22.97
CA MET B 413 26.42 -9.89 -21.93
C MET B 413 27.10 -10.58 -20.75
N LEU B 414 26.86 -10.06 -19.55
CA LEU B 414 27.33 -10.67 -18.33
C LEU B 414 26.16 -11.41 -17.70
N CYS B 415 26.25 -12.74 -17.74
CA CYS B 415 25.15 -13.60 -17.35
C CYS B 415 25.54 -14.45 -16.14
N PHE B 416 24.83 -14.22 -15.03
CA PHE B 416 25.16 -14.84 -13.76
C PHE B 416 24.18 -15.96 -13.41
N ASP B 417 24.69 -17.19 -13.42
CA ASP B 417 23.92 -18.36 -13.02
C ASP B 417 22.60 -18.45 -13.81
N VAL B 418 22.70 -18.29 -15.12
CA VAL B 418 21.53 -18.40 -16.01
C VAL B 418 21.74 -19.25 -17.23
N LYS B 419 20.63 -19.81 -17.70
CA LYS B 419 20.62 -20.61 -18.91
C LYS B 419 20.71 -19.66 -20.09
N VAL B 420 21.38 -20.08 -21.14
CA VAL B 420 21.41 -19.31 -22.38
C VAL B 420 20.80 -20.18 -23.48
N ASP B 421 19.71 -19.71 -24.07
CA ASP B 421 19.02 -20.46 -25.13
C ASP B 421 19.94 -20.66 -26.33
N LYS B 422 19.88 -21.83 -26.95
CA LYS B 422 20.78 -22.20 -28.03
C LYS B 422 20.72 -21.21 -29.20
N GLU B 423 19.50 -20.81 -29.57
N GLU B 423 19.50 -20.80 -29.55
CA GLU B 423 19.31 -19.85 -30.65
CA GLU B 423 19.30 -19.87 -30.64
C GLU B 423 19.89 -18.48 -30.31
C GLU B 423 19.89 -18.49 -30.30
N ALA B 424 19.78 -18.10 -29.04
CA ALA B 424 20.33 -16.82 -28.60
C ALA B 424 21.85 -16.82 -28.73
N GLN B 425 22.46 -17.93 -28.32
CA GLN B 425 23.91 -18.08 -28.42
C GLN B 425 24.37 -18.09 -29.88
N GLN B 426 23.65 -18.84 -30.71
CA GLN B 426 23.99 -18.96 -32.11
C GLN B 426 23.91 -17.58 -32.77
N TYR B 427 22.81 -16.87 -32.51
CA TYR B 427 22.61 -15.53 -33.04
C TYR B 427 23.68 -14.57 -32.55
N ALA B 428 24.13 -14.75 -31.30
CA ALA B 428 25.19 -13.92 -30.75
C ALA B 428 26.50 -14.15 -31.50
N ASP B 429 26.83 -15.42 -31.71
CA ASP B 429 28.07 -15.79 -32.38
C ASP B 429 28.09 -15.32 -33.84
N GLU B 430 26.92 -15.34 -34.47
CA GLU B 430 26.78 -14.85 -35.84
C GLU B 430 26.99 -13.34 -35.92
N ASN B 431 26.59 -12.63 -34.87
CA ASN B 431 26.58 -11.18 -34.90
C ASN B 431 27.62 -10.53 -34.00
N GLY B 432 28.65 -11.28 -33.64
CA GLY B 432 29.78 -10.72 -32.91
C GLY B 432 29.40 -10.11 -31.57
N ILE B 433 28.44 -10.72 -30.90
CA ILE B 433 28.10 -10.33 -29.54
C ILE B 433 28.60 -11.39 -28.57
N LYS B 434 29.32 -10.96 -27.54
CA LYS B 434 29.89 -11.90 -26.56
C LYS B 434 28.93 -12.15 -25.41
N ILE B 435 28.69 -13.43 -25.12
CA ILE B 435 27.90 -13.81 -23.97
C ILE B 435 28.81 -14.45 -22.92
N PHE B 436 29.00 -13.75 -21.81
CA PHE B 436 29.84 -14.26 -20.72
C PHE B 436 28.95 -14.89 -19.64
N THR B 437 29.24 -16.14 -19.30
CA THR B 437 28.47 -16.87 -18.30
C THR B 437 29.37 -17.21 -17.11
N ALA B 438 28.81 -17.19 -15.91
CA ALA B 438 29.56 -17.55 -14.72
C ALA B 438 28.65 -17.96 -13.57
N ASP B 439 29.10 -18.96 -12.83
CA ASP B 439 28.49 -19.35 -11.56
C ASP B 439 28.94 -18.40 -10.45
N ILE B 440 30.02 -17.68 -10.71
CA ILE B 440 30.57 -16.68 -9.77
C ILE B 440 30.72 -15.30 -10.44
N ILE B 441 30.24 -14.25 -9.77
CA ILE B 441 30.21 -12.90 -10.36
C ILE B 441 31.62 -12.36 -10.68
N TYR B 442 32.58 -12.73 -9.81
CA TYR B 442 33.97 -12.31 -9.97
C TYR B 442 34.45 -12.70 -11.36
N HIS B 443 34.10 -13.90 -11.78
N HIS B 443 34.08 -13.89 -11.78
CA HIS B 443 34.54 -14.39 -13.09
CA HIS B 443 34.48 -14.42 -13.08
C HIS B 443 33.94 -13.55 -14.23
C HIS B 443 33.93 -13.58 -14.22
N LEU B 444 32.72 -13.06 -14.04
CA LEU B 444 32.13 -12.15 -15.03
C LEU B 444 32.99 -10.91 -15.10
N PHE B 445 33.42 -10.43 -13.93
CA PHE B 445 34.34 -9.29 -13.92
C PHE B 445 35.65 -9.58 -14.66
N ASP B 446 36.26 -10.73 -14.38
CA ASP B 446 37.52 -11.12 -14.99
C ASP B 446 37.40 -11.18 -16.50
N GLN B 447 36.35 -11.85 -16.97
CA GLN B 447 36.10 -12.01 -18.39
C GLN B 447 35.89 -10.65 -19.05
N PHE B 448 35.15 -9.77 -18.40
CA PHE B 448 34.91 -8.47 -19.01
C PHE B 448 36.19 -7.65 -19.10
N THR B 449 37.00 -7.68 -18.03
CA THR B 449 38.26 -6.94 -18.01
C THR B 449 39.23 -7.46 -19.08
N LYS B 450 39.34 -8.77 -19.19
CA LYS B 450 40.18 -9.38 -20.22
C LYS B 450 39.71 -8.92 -21.60
N HIS B 451 38.40 -8.96 -21.79
CA HIS B 451 37.78 -8.49 -23.03
C HIS B 451 38.19 -7.06 -23.34
N MET B 452 38.08 -6.18 -22.34
CA MET B 452 38.40 -4.77 -22.55
C MET B 452 39.86 -4.54 -22.88
N GLN B 453 40.76 -5.21 -22.17
CA GLN B 453 42.19 -5.04 -22.42
C GLN B 453 42.52 -5.56 -23.82
N GLU B 454 41.77 -6.55 -24.28
CA GLU B 454 41.95 -7.04 -25.64
C GLU B 454 41.62 -5.97 -26.69
N GLN B 455 40.54 -5.22 -26.45
CA GLN B 455 40.16 -4.14 -27.36
C GLN B 455 41.25 -3.08 -27.46
PB GDP C . -13.55 7.39 -2.27
O1B GDP C . -13.38 7.43 -3.77
O2B GDP C . -14.99 7.64 -1.89
O3B GDP C . -12.67 8.45 -1.65
O3A GDP C . -13.09 5.95 -1.72
PA GDP C . -14.06 4.67 -1.86
O1A GDP C . -14.73 4.37 -0.54
O2A GDP C . -15.07 4.87 -2.96
O5' GDP C . -13.03 3.51 -2.26
C5' GDP C . -11.63 3.66 -2.00
C4' GDP C . -10.96 2.32 -2.20
O4' GDP C . -9.98 2.17 -1.18
C3' GDP C . -11.97 1.19 -2.05
O3' GDP C . -11.90 0.29 -3.16
C2' GDP C . -11.60 0.46 -0.76
O2' GDP C . -11.45 -0.93 -1.04
C1' GDP C . -10.28 1.06 -0.33
N9 GDP C . -10.35 1.53 1.08
C8 GDP C . -11.08 2.55 1.58
N7 GDP C . -10.88 2.68 2.92
C5 GDP C . -10.00 1.73 3.30
C6 GDP C . -9.33 1.30 4.55
O6 GDP C . -9.56 1.87 5.64
N1 GDP C . -8.49 0.27 4.49
C2 GDP C . -8.22 -0.38 3.34
N2 GDP C . -7.35 -1.42 3.35
N3 GDP C . -8.78 -0.03 2.16
C4 GDP C . -9.65 0.99 2.08
MG MG D . -16.94 9.19 -2.99
PB GDP E . 26.14 -31.98 -2.52
O1B GDP E . 26.59 -30.87 -1.60
O2B GDP E . 26.31 -31.53 -3.96
O3B GDP E . 24.68 -32.27 -2.25
O3A GDP E . 27.03 -33.28 -2.26
PA GDP E . 26.38 -34.73 -2.02
O1A GDP E . 25.74 -35.25 -3.28
O2A GDP E . 25.38 -34.71 -0.89
O5' GDP E . 27.68 -35.61 -1.65
C5' GDP E . 28.66 -35.88 -2.65
C4' GDP E . 29.53 -37.06 -2.24
O4' GDP E . 30.07 -36.82 -0.94
C3' GDP E . 28.71 -38.34 -2.16
O3' GDP E . 29.45 -39.39 -2.81
C2' GDP E . 28.58 -38.62 -0.68
O2' GDP E . 28.59 -40.03 -0.42
C1' GDP E . 29.79 -37.93 -0.07
N9 GDP E . 29.56 -37.43 1.30
C8 GDP E . 28.68 -36.50 1.69
N7 GDP E . 28.76 -36.27 3.03
C5 GDP E . 29.72 -37.09 3.51
C6 GDP E . 30.32 -37.38 4.84
O6 GDP E . 29.94 -36.79 5.87
N1 GDP E . 31.29 -38.30 4.90
C2 GDP E . 31.73 -38.95 3.81
N2 GDP E . 32.72 -39.86 3.95
N3 GDP E . 31.23 -38.74 2.56
C4 GDP E . 30.24 -37.84 2.36
MG MG F . 23.47 -31.38 -4.68
#